data_2O73
#
_entry.id   2O73
#
_cell.length_a   102.212
_cell.length_b   102.212
_cell.length_c   103.868
_cell.angle_alpha   90.00
_cell.angle_beta   90.00
_cell.angle_gamma   120.00
#
_symmetry.space_group_name_H-M   'P 32'
#
loop_
_entity.id
_entity.type
_entity.pdbx_description
1 polymer 'OHCU decarboxylase'
2 non-polymer 1-(2,5-DIOXO-2,5-DIHYDRO-1H-IMIDAZOL-4-YL)UREA
3 water water
#
_entity_poly.entity_id   1
_entity_poly.type   'polypeptide(L)'
_entity_poly.pdbx_seq_one_letter_code
;MDINVVNALAYEDFVKLFGNVVEKCPLISAAIWSYRPFKDLADIEARISEFIHSLPDSGKEGILRCHPDLAGRDLQSGTL
TPESQEEQSQAGMTTLDSAEIVHMYRLNSEYKERFGFPFVICARLNNKADIVRQLSERLKNRRTAELECAIEEVKKICSL
RLHSIVLSDIQTKL
;
_entity_poly.pdbx_strand_id   A,B,C,D,E,F
#
# COMPACT_ATOMS: atom_id res chain seq x y z
N ASP A 2 -30.43 17.59 -44.01
CA ASP A 2 -29.85 17.96 -45.32
C ASP A 2 -28.42 17.44 -45.43
N ILE A 3 -28.17 16.54 -46.38
CA ILE A 3 -26.81 16.01 -46.58
C ILE A 3 -25.84 17.10 -47.04
N ASN A 4 -26.35 18.13 -47.73
CA ASN A 4 -25.52 19.26 -48.13
C ASN A 4 -24.87 19.92 -46.92
N VAL A 5 -25.62 20.05 -45.84
CA VAL A 5 -25.09 20.68 -44.63
C VAL A 5 -24.08 19.75 -43.94
N VAL A 6 -24.39 18.46 -43.90
CA VAL A 6 -23.45 17.48 -43.35
C VAL A 6 -22.17 17.49 -44.16
N ASN A 7 -22.30 17.53 -45.48
CA ASN A 7 -21.14 17.49 -46.37
C ASN A 7 -20.24 18.71 -46.22
N ALA A 8 -20.76 19.77 -45.62
CA ALA A 8 -20.04 21.03 -45.51
C ALA A 8 -19.35 21.18 -44.14
N LEU A 9 -19.67 20.29 -43.20
CA LEU A 9 -19.04 20.35 -41.88
C LEU A 9 -17.52 20.21 -41.93
N ALA A 10 -16.83 20.97 -41.09
CA ALA A 10 -15.40 20.80 -40.84
C ALA A 10 -15.26 19.50 -40.05
N TYR A 11 -14.12 18.80 -40.16
CA TYR A 11 -14.02 17.50 -39.46
C TYR A 11 -14.24 17.65 -37.96
N GLU A 12 -13.80 18.77 -37.38
CA GLU A 12 -14.01 19.00 -35.96
C GLU A 12 -15.50 18.98 -35.63
N ASP A 13 -16.32 19.54 -36.52
CA ASP A 13 -17.75 19.65 -36.30
C ASP A 13 -18.46 18.34 -36.63
N PHE A 14 -17.97 17.66 -37.68
CA PHE A 14 -18.48 16.35 -38.05
C PHE A 14 -18.25 15.31 -36.94
N VAL A 15 -17.05 15.33 -36.35
CA VAL A 15 -16.72 14.41 -35.25
C VAL A 15 -17.54 14.73 -34.00
N LYS A 16 -17.72 16.02 -33.74
CA LYS A 16 -18.56 16.48 -32.64
C LYS A 16 -20.00 15.98 -32.76
N LEU A 17 -20.56 16.02 -33.95
CA LEU A 17 -21.94 15.61 -34.18
C LEU A 17 -22.12 14.09 -34.33
N PHE A 18 -21.18 13.44 -34.99
CA PHE A 18 -21.34 12.02 -35.30
C PHE A 18 -20.40 11.11 -34.52
N GLY A 19 -19.55 11.71 -33.68
CA GLY A 19 -18.52 10.99 -32.93
C GLY A 19 -18.99 9.89 -32.00
N ASN A 20 -20.29 9.85 -31.70
CA ASN A 20 -20.79 8.78 -30.84
C ASN A 20 -21.86 7.88 -31.47
N VAL A 21 -21.92 7.82 -32.80
CA VAL A 21 -22.87 6.90 -33.44
C VAL A 21 -22.47 5.45 -33.29
N VAL A 22 -21.16 5.20 -33.14
CA VAL A 22 -20.67 3.92 -32.62
C VAL A 22 -20.06 4.23 -31.25
N GLU A 23 -20.62 3.63 -30.20
CA GLU A 23 -20.30 3.97 -28.80
C GLU A 23 -18.80 4.09 -28.48
N LYS A 24 -18.40 5.27 -28.01
CA LYS A 24 -17.03 5.60 -27.61
C LYS A 24 -16.00 5.32 -28.71
N CYS A 25 -16.43 5.42 -29.97
CA CYS A 25 -15.55 5.17 -31.10
C CYS A 25 -15.63 6.33 -32.11
N PRO A 26 -15.29 7.54 -31.66
CA PRO A 26 -15.24 8.71 -32.55
C PRO A 26 -14.29 8.51 -33.72
N LEU A 27 -13.33 7.60 -33.57
CA LEU A 27 -12.41 7.31 -34.64
C LEU A 27 -13.12 6.90 -35.93
N ILE A 28 -14.19 6.11 -35.80
CA ILE A 28 -14.91 5.66 -36.97
C ILE A 28 -15.62 6.82 -37.69
N SER A 29 -16.29 7.66 -36.94
CA SER A 29 -16.90 8.85 -37.51
C SER A 29 -15.81 9.73 -38.17
N ALA A 30 -14.74 10.00 -37.42
CA ALA A 30 -13.58 10.73 -37.91
C ALA A 30 -13.03 10.15 -39.23
N ALA A 31 -12.82 8.84 -39.29
CA ALA A 31 -12.31 8.18 -40.49
C ALA A 31 -13.19 8.47 -41.71
N ILE A 32 -14.51 8.25 -41.57
CA ILE A 32 -15.39 8.28 -42.74
C ILE A 32 -15.50 9.66 -43.41
N TRP A 33 -15.22 10.71 -42.64
CA TRP A 33 -15.19 12.09 -43.16
C TRP A 33 -14.23 12.22 -44.37
N SER A 34 -13.20 11.37 -44.42
CA SER A 34 -12.30 11.32 -45.58
C SER A 34 -12.99 11.00 -46.91
N TYR A 35 -14.14 10.33 -46.85
CA TYR A 35 -14.81 9.86 -48.04
C TYR A 35 -15.93 10.80 -48.54
N ARG A 36 -16.05 11.94 -47.89
CA ARG A 36 -17.03 12.96 -48.32
C ARG A 36 -16.71 13.47 -49.73
N PRO A 37 -17.73 13.97 -50.45
CA PRO A 37 -19.12 14.10 -50.03
C PRO A 37 -19.88 12.77 -49.97
N PHE A 38 -20.81 12.69 -49.04
CA PHE A 38 -21.72 11.56 -48.97
C PHE A 38 -22.94 11.80 -49.86
N LYS A 39 -23.32 10.78 -50.64
CA LYS A 39 -24.55 10.85 -51.44
C LYS A 39 -25.77 11.10 -50.58
N ASP A 40 -25.85 10.38 -49.46
CA ASP A 40 -27.03 10.38 -48.60
C ASP A 40 -26.70 9.68 -47.30
N LEU A 41 -27.64 9.69 -46.36
CA LEU A 41 -27.46 8.99 -45.09
C LEU A 41 -26.98 7.56 -45.30
N ALA A 42 -27.49 6.91 -46.34
CA ALA A 42 -27.17 5.50 -46.60
C ALA A 42 -25.71 5.30 -46.98
N ASP A 43 -25.15 6.28 -47.70
CA ASP A 43 -23.73 6.31 -48.04
C ASP A 43 -22.91 6.41 -46.75
N ILE A 44 -23.33 7.27 -45.83
CA ILE A 44 -22.71 7.33 -44.51
C ILE A 44 -22.69 5.97 -43.79
N GLU A 45 -23.83 5.30 -43.78
CA GLU A 45 -23.94 4.02 -43.08
C GLU A 45 -23.10 2.96 -43.74
N ALA A 46 -23.04 3.03 -45.06
CA ALA A 46 -22.27 2.11 -45.86
C ALA A 46 -20.76 2.27 -45.59
N ARG A 47 -20.32 3.52 -45.44
CA ARG A 47 -18.91 3.79 -45.14
C ARG A 47 -18.57 3.29 -43.73
N ILE A 48 -19.49 3.49 -42.79
CA ILE A 48 -19.30 2.99 -41.43
C ILE A 48 -19.16 1.46 -41.44
N SER A 49 -20.11 0.80 -42.09
CA SER A 49 -20.10 -0.65 -42.24
C SER A 49 -18.80 -1.17 -42.86
N GLU A 50 -18.35 -0.54 -43.94
CA GLU A 50 -17.14 -0.93 -44.65
C GLU A 50 -15.89 -0.75 -43.82
N PHE A 51 -15.85 0.33 -43.04
CA PHE A 51 -14.74 0.58 -42.16
C PHE A 51 -14.64 -0.52 -41.11
N ILE A 52 -15.77 -0.82 -40.49
CA ILE A 52 -15.79 -1.83 -39.45
C ILE A 52 -15.37 -3.18 -40.01
N HIS A 53 -15.89 -3.50 -41.21
CA HIS A 53 -15.61 -4.79 -41.86
C HIS A 53 -14.13 -4.94 -42.24
N SER A 54 -13.47 -3.82 -42.51
CA SER A 54 -12.04 -3.78 -42.83
C SER A 54 -11.09 -4.01 -41.63
N LEU A 55 -11.63 -3.94 -40.41
CA LEU A 55 -10.78 -4.11 -39.23
C LEU A 55 -10.46 -5.59 -39.03
N PRO A 56 -9.36 -5.88 -38.33
CA PRO A 56 -9.19 -7.27 -37.91
C PRO A 56 -10.27 -7.64 -36.91
N ASP A 57 -10.43 -8.94 -36.70
CA ASP A 57 -11.38 -9.40 -35.69
C ASP A 57 -11.14 -8.74 -34.34
N SER A 58 -9.88 -8.51 -34.00
CA SER A 58 -9.57 -7.82 -32.73
C SER A 58 -10.17 -6.42 -32.66
N GLY A 59 -10.22 -5.71 -33.79
CA GLY A 59 -10.87 -4.39 -33.87
C GLY A 59 -12.36 -4.45 -33.60
N LYS A 60 -13.02 -5.44 -34.21
CA LYS A 60 -14.45 -5.66 -33.99
C LYS A 60 -14.73 -5.98 -32.52
N GLU A 61 -13.96 -6.87 -31.93
CA GLU A 61 -14.04 -7.13 -30.47
C GLU A 61 -13.80 -5.86 -29.67
N GLY A 62 -12.79 -5.10 -30.09
CA GLY A 62 -12.45 -3.86 -29.43
C GLY A 62 -13.64 -2.92 -29.40
N ILE A 63 -14.39 -2.85 -30.52
CA ILE A 63 -15.56 -1.96 -30.61
C ILE A 63 -16.59 -2.35 -29.55
N LEU A 64 -16.88 -3.64 -29.50
CA LEU A 64 -17.81 -4.21 -28.53
C LEU A 64 -17.38 -3.88 -27.08
N ARG A 65 -16.09 -3.96 -26.84
CA ARG A 65 -15.53 -3.68 -25.51
C ARG A 65 -15.64 -2.21 -25.12
N CYS A 66 -15.95 -1.35 -26.08
CA CYS A 66 -16.17 0.06 -25.78
C CYS A 66 -17.62 0.33 -25.35
N HIS A 67 -18.47 -0.69 -25.41
CA HIS A 67 -19.89 -0.53 -25.03
C HIS A 67 -20.09 -0.84 -23.54
N PRO A 68 -20.96 -0.06 -22.88
CA PRO A 68 -21.23 -0.39 -21.48
C PRO A 68 -22.20 -1.55 -21.36
N ASP A 69 -22.18 -2.21 -20.20
CA ASP A 69 -23.16 -3.27 -19.95
C ASP A 69 -24.56 -2.68 -19.77
N LEU A 70 -25.55 -3.39 -20.28
CA LEU A 70 -26.95 -3.12 -19.94
C LEU A 70 -27.14 -3.22 -18.42
N ALA A 71 -27.62 -2.14 -17.80
CA ALA A 71 -27.90 -2.10 -16.36
C ALA A 71 -26.67 -2.16 -15.45
N GLY A 72 -25.49 -1.83 -15.98
CA GLY A 72 -24.24 -2.09 -15.27
C GLY A 72 -23.70 -0.97 -14.43
N ARG A 73 -22.41 -1.06 -14.06
CA ARG A 73 -21.80 -0.08 -13.18
C ARG A 73 -22.03 1.34 -13.70
N ASP A 74 -21.87 1.53 -15.01
CA ASP A 74 -21.98 2.88 -15.57
C ASP A 74 -23.39 3.45 -15.42
N LEU A 75 -24.41 2.66 -15.74
CA LEU A 75 -25.79 3.10 -15.54
C LEU A 75 -26.02 3.45 -14.06
N GLN A 76 -25.59 2.56 -13.17
CA GLN A 76 -25.79 2.76 -11.73
C GLN A 76 -25.07 3.99 -11.22
N SER A 77 -23.91 4.28 -11.82
CA SER A 77 -23.08 5.41 -11.43
C SER A 77 -23.52 6.69 -12.13
N GLY A 78 -24.42 6.53 -13.11
CA GLY A 78 -24.91 7.66 -13.89
C GLY A 78 -23.84 8.21 -14.81
N THR A 79 -22.96 7.34 -15.29
CA THR A 79 -21.85 7.79 -16.13
C THR A 79 -21.92 7.24 -17.57
N LEU A 80 -23.13 6.99 -18.05
CA LEU A 80 -23.33 6.64 -19.46
C LEU A 80 -23.28 7.87 -20.34
N THR A 81 -22.92 7.65 -21.60
CA THR A 81 -23.08 8.67 -22.64
C THR A 81 -24.57 8.99 -22.73
N PRO A 82 -24.90 10.21 -23.17
CA PRO A 82 -26.31 10.59 -23.37
C PRO A 82 -27.14 9.55 -24.12
N GLU A 83 -26.63 9.05 -25.25
CA GLU A 83 -27.34 8.07 -26.08
C GLU A 83 -27.54 6.75 -25.36
N SER A 84 -26.46 6.17 -24.82
CA SER A 84 -26.59 4.94 -24.05
C SER A 84 -27.61 5.11 -22.90
N GLN A 85 -27.57 6.24 -22.21
CA GLN A 85 -28.49 6.50 -21.11
C GLN A 85 -29.94 6.46 -21.57
N GLU A 86 -30.24 7.19 -22.65
CA GLU A 86 -31.61 7.25 -23.19
C GLU A 86 -32.04 5.90 -23.73
N GLU A 87 -31.07 5.16 -24.29
CA GLU A 87 -31.34 3.87 -24.94
C GLU A 87 -31.65 2.77 -23.93
N GLN A 88 -30.93 2.78 -22.81
CA GLN A 88 -31.19 1.85 -21.71
C GLN A 88 -32.47 2.21 -20.96
N SER A 89 -32.78 3.50 -20.85
CA SER A 89 -34.02 3.90 -20.18
C SER A 89 -35.23 3.44 -20.99
N GLN A 90 -35.10 3.48 -22.31
CA GLN A 90 -36.18 3.02 -23.20
C GLN A 90 -36.36 1.51 -23.15
N ALA A 91 -35.28 0.79 -22.84
CA ALA A 91 -35.34 -0.67 -22.70
C ALA A 91 -35.68 -1.11 -21.26
N GLY A 92 -35.97 -0.16 -20.38
CA GLY A 92 -36.38 -0.46 -19.01
C GLY A 92 -35.25 -0.76 -18.01
N MET A 93 -34.03 -0.37 -18.33
CA MET A 93 -32.88 -0.65 -17.45
C MET A 93 -32.72 0.33 -16.30
N THR A 94 -33.51 1.40 -16.31
CA THR A 94 -33.34 2.48 -15.34
C THR A 94 -34.35 2.39 -14.21
N THR A 95 -35.25 1.43 -14.31
CA THR A 95 -36.31 1.32 -13.33
C THR A 95 -36.35 -0.10 -12.74
N LEU A 96 -35.22 -0.78 -12.86
CA LEU A 96 -35.03 -2.13 -12.30
C LEU A 96 -34.93 -2.11 -10.78
N ASP A 97 -35.52 -3.12 -10.14
CA ASP A 97 -35.37 -3.26 -8.69
C ASP A 97 -34.05 -3.98 -8.38
N SER A 98 -33.70 -4.08 -7.09
CA SER A 98 -32.44 -4.67 -6.65
C SER A 98 -32.24 -6.07 -7.20
N ALA A 99 -33.34 -6.84 -7.22
CA ALA A 99 -33.32 -8.20 -7.76
C ALA A 99 -32.90 -8.20 -9.21
N GLU A 100 -33.52 -7.32 -9.99
CA GLU A 100 -33.32 -7.36 -11.42
C GLU A 100 -31.93 -6.88 -11.78
N ILE A 101 -31.49 -5.82 -11.09
CA ILE A 101 -30.14 -5.30 -11.26
C ILE A 101 -29.11 -6.37 -10.98
N VAL A 102 -29.32 -7.11 -9.90
CA VAL A 102 -28.41 -8.22 -9.58
C VAL A 102 -28.48 -9.33 -10.65
N HIS A 103 -29.68 -9.64 -11.15
CA HIS A 103 -29.84 -10.66 -12.20
C HIS A 103 -29.18 -10.25 -13.52
N MET A 104 -29.29 -8.97 -13.89
CA MET A 104 -28.63 -8.47 -15.12
C MET A 104 -27.13 -8.63 -15.01
N TYR A 105 -26.61 -8.32 -13.82
CA TYR A 105 -25.19 -8.46 -13.55
C TYR A 105 -24.69 -9.87 -13.79
N ARG A 106 -25.43 -10.86 -13.32
CA ARG A 106 -25.04 -12.26 -13.45
C ARG A 106 -25.08 -12.76 -14.89
N LEU A 107 -26.13 -12.39 -15.62
CA LEU A 107 -26.23 -12.76 -17.05
C LEU A 107 -25.07 -12.15 -17.85
N ASN A 108 -24.78 -10.89 -17.57
CA ASN A 108 -23.67 -10.21 -18.22
C ASN A 108 -22.32 -10.83 -17.89
N SER A 109 -22.15 -11.22 -16.62
CA SER A 109 -20.94 -11.91 -16.22
C SER A 109 -20.70 -13.19 -17.00
N GLU A 110 -21.74 -14.02 -17.15
CA GLU A 110 -21.59 -15.30 -17.86
C GLU A 110 -21.23 -15.08 -19.33
N TYR A 111 -21.91 -14.13 -19.96
CA TYR A 111 -21.68 -13.86 -21.37
C TYR A 111 -20.24 -13.42 -21.60
N LYS A 112 -19.82 -12.42 -20.84
CA LYS A 112 -18.51 -11.83 -21.05
C LYS A 112 -17.39 -12.80 -20.71
N GLU A 113 -17.62 -13.70 -19.75
CA GLU A 113 -16.63 -14.74 -19.44
C GLU A 113 -16.47 -15.69 -20.63
N ARG A 114 -17.56 -16.02 -21.30
CA ARG A 114 -17.52 -16.88 -22.48
C ARG A 114 -16.85 -16.24 -23.70
N PHE A 115 -17.30 -15.03 -24.03
CA PHE A 115 -16.96 -14.39 -25.30
C PHE A 115 -15.83 -13.37 -25.23
N GLY A 116 -15.53 -12.89 -24.02
CA GLY A 116 -14.45 -11.92 -23.80
C GLY A 116 -14.78 -10.53 -24.38
N PHE A 117 -16.07 -10.23 -24.45
CA PHE A 117 -16.55 -8.88 -24.74
C PHE A 117 -18.00 -8.73 -24.22
N PRO A 118 -18.49 -7.49 -24.11
CA PRO A 118 -19.84 -7.34 -23.53
C PRO A 118 -20.91 -7.88 -24.44
N PHE A 119 -22.03 -8.26 -23.82
CA PHE A 119 -23.26 -8.49 -24.54
C PHE A 119 -23.79 -7.18 -25.10
N VAL A 120 -23.97 -7.13 -26.42
CA VAL A 120 -24.44 -5.91 -27.05
C VAL A 120 -25.74 -6.19 -27.81
N ILE A 121 -26.76 -5.40 -27.53
CA ILE A 121 -28.02 -5.51 -28.28
C ILE A 121 -28.53 -4.12 -28.61
N CYS A 122 -29.28 -4.00 -29.70
CA CYS A 122 -29.92 -2.72 -29.99
C CYS A 122 -31.03 -2.43 -28.96
N ALA A 123 -30.74 -1.61 -27.96
CA ALA A 123 -31.67 -1.41 -26.83
C ALA A 123 -32.98 -0.70 -27.21
N ARG A 124 -32.93 0.14 -28.24
CA ARG A 124 -34.13 0.88 -28.65
C ARG A 124 -35.15 0.01 -29.40
N LEU A 125 -34.75 -1.22 -29.71
CA LEU A 125 -35.61 -2.16 -30.41
C LEU A 125 -35.96 -3.37 -29.54
N ASN A 126 -35.67 -3.28 -28.24
CA ASN A 126 -35.86 -4.40 -27.33
C ASN A 126 -36.36 -3.94 -25.96
N ASN A 127 -37.38 -4.61 -25.44
CA ASN A 127 -37.76 -4.39 -24.04
C ASN A 127 -37.01 -5.33 -23.09
N LYS A 128 -37.15 -5.08 -21.80
CA LYS A 128 -36.45 -5.81 -20.75
C LYS A 128 -36.56 -7.33 -20.87
N ALA A 129 -37.71 -7.85 -21.27
CA ALA A 129 -37.87 -9.30 -21.49
C ALA A 129 -37.18 -9.82 -22.74
N ASP A 130 -37.16 -9.02 -23.80
CA ASP A 130 -36.44 -9.41 -25.03
C ASP A 130 -34.94 -9.48 -24.73
N ILE A 131 -34.48 -8.57 -23.87
CA ILE A 131 -33.04 -8.50 -23.52
C ILE A 131 -32.61 -9.78 -22.83
N VAL A 132 -33.31 -10.16 -21.76
CA VAL A 132 -32.98 -11.41 -21.08
C VAL A 132 -33.02 -12.61 -22.04
N ARG A 133 -34.01 -12.65 -22.92
CA ARG A 133 -34.17 -13.76 -23.87
C ARG A 133 -33.02 -13.90 -24.88
N GLN A 134 -32.53 -12.76 -25.38
CA GLN A 134 -31.44 -12.79 -26.35
C GLN A 134 -30.13 -13.18 -25.68
N LEU A 135 -29.96 -12.67 -24.48
CA LEU A 135 -28.82 -12.97 -23.64
C LEU A 135 -28.65 -14.48 -23.45
N SER A 136 -29.76 -15.17 -23.22
CA SER A 136 -29.70 -16.60 -22.97
C SER A 136 -29.49 -17.43 -24.23
N GLU A 137 -30.05 -16.97 -25.34
CA GLU A 137 -29.87 -17.67 -26.60
C GLU A 137 -28.47 -17.48 -27.19
N ARG A 138 -27.97 -16.25 -27.09
CA ARG A 138 -26.68 -15.93 -27.70
C ARG A 138 -25.51 -16.52 -26.90
N LEU A 139 -25.72 -16.76 -25.61
CA LEU A 139 -24.77 -17.47 -24.78
C LEU A 139 -24.37 -18.82 -25.38
N LYS A 140 -25.27 -19.42 -26.17
CA LYS A 140 -25.00 -20.71 -26.81
C LYS A 140 -24.19 -20.61 -28.11
N ASN A 141 -24.14 -19.42 -28.70
CA ASN A 141 -23.44 -19.27 -29.97
C ASN A 141 -21.96 -19.60 -29.85
N ARG A 142 -21.37 -20.06 -30.95
CA ARG A 142 -19.93 -20.14 -31.04
C ARG A 142 -19.37 -18.71 -31.10
N ARG A 143 -18.09 -18.57 -30.75
CA ARG A 143 -17.46 -17.27 -30.66
C ARG A 143 -17.37 -16.59 -32.04
N THR A 144 -16.96 -17.35 -33.05
CA THR A 144 -16.92 -16.84 -34.43
C THR A 144 -18.25 -16.19 -34.84
N ALA A 145 -19.34 -16.88 -34.56
CA ALA A 145 -20.66 -16.43 -34.96
C ALA A 145 -21.16 -15.26 -34.13
N GLU A 146 -20.81 -15.29 -32.85
CA GLU A 146 -21.32 -14.29 -31.93
C GLU A 146 -20.71 -12.93 -32.24
N LEU A 147 -19.46 -12.94 -32.68
CA LEU A 147 -18.79 -11.70 -33.06
C LEU A 147 -19.55 -10.97 -34.21
N GLU A 148 -19.91 -11.72 -35.25
CA GLU A 148 -20.70 -11.16 -36.37
C GLU A 148 -22.08 -10.70 -35.92
N CYS A 149 -22.75 -11.53 -35.12
CA CYS A 149 -24.04 -11.15 -34.55
C CYS A 149 -24.00 -9.85 -33.73
N ALA A 150 -22.99 -9.74 -32.87
CA ALA A 150 -22.83 -8.53 -32.07
C ALA A 150 -22.58 -7.29 -32.94
N ILE A 151 -21.72 -7.44 -33.93
CA ILE A 151 -21.36 -6.33 -34.82
C ILE A 151 -22.58 -5.83 -35.59
N GLU A 152 -23.42 -6.75 -36.04
CA GLU A 152 -24.71 -6.37 -36.63
C GLU A 152 -25.57 -5.53 -35.70
N GLU A 153 -25.55 -5.86 -34.40
CA GLU A 153 -26.28 -5.08 -33.43
C GLU A 153 -25.65 -3.71 -33.31
N VAL A 154 -24.32 -3.65 -33.36
CA VAL A 154 -23.66 -2.37 -33.28
C VAL A 154 -24.12 -1.50 -34.47
N LYS A 155 -24.20 -2.11 -35.65
CA LYS A 155 -24.63 -1.35 -36.81
C LYS A 155 -26.09 -0.88 -36.69
N LYS A 156 -26.95 -1.70 -36.08
CA LYS A 156 -28.31 -1.27 -35.83
C LYS A 156 -28.37 -0.06 -34.91
N ILE A 157 -27.62 -0.12 -33.80
CA ILE A 157 -27.58 1.00 -32.87
C ILE A 157 -27.14 2.28 -33.58
N CYS A 158 -26.09 2.15 -34.39
CA CYS A 158 -25.53 3.25 -35.18
C CYS A 158 -26.55 3.88 -36.13
N SER A 159 -27.27 3.03 -36.85
CA SER A 159 -28.33 3.50 -37.73
C SER A 159 -29.40 4.34 -37.00
N LEU A 160 -29.90 3.85 -35.86
CA LEU A 160 -30.86 4.62 -35.05
C LEU A 160 -30.30 5.90 -34.41
N ARG A 161 -29.03 5.87 -33.95
CA ARG A 161 -28.34 7.08 -33.51
C ARG A 161 -28.27 8.11 -34.63
N LEU A 162 -27.95 7.65 -35.83
CA LEU A 162 -27.84 8.51 -37.00
C LEU A 162 -29.19 9.19 -37.30
N HIS A 163 -30.24 8.39 -37.36
CA HIS A 163 -31.62 8.89 -37.58
C HIS A 163 -32.15 9.78 -36.47
N SER A 164 -31.61 9.66 -35.27
CA SER A 164 -31.98 10.53 -34.16
C SER A 164 -31.34 11.87 -34.33
N ILE A 165 -30.12 11.87 -34.86
CA ILE A 165 -29.45 13.12 -35.19
C ILE A 165 -30.30 13.83 -36.25
N VAL A 166 -30.74 13.07 -37.25
CA VAL A 166 -31.69 13.54 -38.25
C VAL A 166 -33.05 13.88 -37.61
N ASP B 2 3.95 -4.09 -13.70
CA ASP B 2 4.09 -5.57 -13.60
C ASP B 2 3.22 -6.23 -14.67
N ILE B 3 3.86 -6.77 -15.70
CA ILE B 3 3.12 -7.33 -16.83
C ILE B 3 2.16 -8.45 -16.41
N ASN B 4 2.42 -9.04 -15.24
CA ASN B 4 1.60 -10.12 -14.74
C ASN B 4 0.25 -9.65 -14.21
N VAL B 5 0.22 -8.53 -13.52
CA VAL B 5 -1.08 -7.98 -13.08
C VAL B 5 -1.86 -7.49 -14.30
N VAL B 6 -1.14 -6.92 -15.27
CA VAL B 6 -1.75 -6.44 -16.51
C VAL B 6 -2.41 -7.60 -17.25
N ASN B 7 -1.66 -8.69 -17.41
CA ASN B 7 -2.13 -9.87 -18.11
C ASN B 7 -3.35 -10.53 -17.46
N ALA B 8 -3.55 -10.26 -16.17
CA ALA B 8 -4.69 -10.80 -15.41
C ALA B 8 -5.90 -9.86 -15.36
N LEU B 9 -5.78 -8.69 -15.98
CA LEU B 9 -6.85 -7.69 -15.95
C LEU B 9 -8.10 -8.12 -16.77
N ALA B 10 -9.28 -7.94 -16.19
CA ALA B 10 -10.53 -8.04 -16.96
C ALA B 10 -10.45 -7.02 -18.09
N TYR B 11 -11.13 -7.26 -19.22
CA TYR B 11 -11.02 -6.31 -20.31
C TYR B 11 -11.56 -4.95 -19.87
N GLU B 12 -12.58 -4.92 -19.02
CA GLU B 12 -13.10 -3.62 -18.57
C GLU B 12 -12.01 -2.78 -17.90
N ASP B 13 -11.20 -3.42 -17.07
CA ASP B 13 -10.13 -2.75 -16.33
C ASP B 13 -8.93 -2.41 -17.20
N PHE B 14 -8.61 -3.32 -18.12
CA PHE B 14 -7.59 -3.07 -19.13
C PHE B 14 -7.94 -1.83 -19.93
N VAL B 15 -9.20 -1.73 -20.37
CA VAL B 15 -9.65 -0.57 -21.16
C VAL B 15 -9.64 0.69 -20.30
N LYS B 16 -10.04 0.60 -19.03
CA LYS B 16 -10.00 1.77 -18.15
C LYS B 16 -8.57 2.30 -17.95
N LEU B 17 -7.63 1.39 -17.71
CA LEU B 17 -6.24 1.74 -17.52
C LEU B 17 -5.57 2.23 -18.81
N PHE B 18 -5.78 1.52 -19.91
CA PHE B 18 -5.05 1.77 -21.16
C PHE B 18 -5.87 2.48 -22.25
N GLY B 19 -7.11 2.83 -21.95
CA GLY B 19 -8.04 3.36 -22.95
C GLY B 19 -7.69 4.70 -23.57
N ASN B 20 -6.77 5.46 -22.96
CA ASN B 20 -6.36 6.72 -23.55
C ASN B 20 -4.89 6.81 -23.98
N VAL B 21 -4.20 5.66 -24.10
CA VAL B 21 -2.82 5.70 -24.62
C VAL B 21 -2.77 6.21 -26.08
N VAL B 22 -3.86 6.00 -26.81
CA VAL B 22 -4.04 6.70 -28.08
C VAL B 22 -5.24 7.64 -27.87
N GLU B 23 -4.99 8.93 -28.00
CA GLU B 23 -5.96 9.96 -27.60
C GLU B 23 -7.36 9.68 -28.15
N LYS B 24 -8.30 9.51 -27.20
CA LYS B 24 -9.72 9.29 -27.45
C LYS B 24 -10.02 8.09 -28.32
N CYS B 25 -9.08 7.14 -28.38
CA CYS B 25 -9.26 5.93 -29.17
C CYS B 25 -9.16 4.67 -28.30
N PRO B 26 -10.10 4.49 -27.35
CA PRO B 26 -10.04 3.30 -26.50
C PRO B 26 -10.18 2.00 -27.28
N LEU B 27 -10.82 2.09 -28.46
CA LEU B 27 -10.97 0.91 -29.30
C LEU B 27 -9.65 0.21 -29.55
N ILE B 28 -8.59 1.01 -29.70
CA ILE B 28 -7.28 0.45 -30.03
C ILE B 28 -6.75 -0.43 -28.90
N SER B 29 -6.71 0.10 -27.69
CA SER B 29 -6.31 -0.69 -26.52
C SER B 29 -7.27 -1.85 -26.26
N ALA B 30 -8.57 -1.60 -26.43
CA ALA B 30 -9.58 -2.65 -26.24
C ALA B 30 -9.30 -3.81 -27.19
N ALA B 31 -8.90 -3.48 -28.42
CA ALA B 31 -8.59 -4.48 -29.44
C ALA B 31 -7.42 -5.37 -29.04
N ILE B 32 -6.31 -4.74 -28.67
CA ILE B 32 -5.09 -5.51 -28.42
C ILE B 32 -5.17 -6.42 -27.19
N TRP B 33 -6.20 -6.24 -26.36
CA TRP B 33 -6.43 -7.15 -25.21
C TRP B 33 -6.72 -8.58 -25.68
N SER B 34 -7.22 -8.71 -26.91
CA SER B 34 -7.40 -10.03 -27.51
C SER B 34 -6.09 -10.84 -27.64
N TYR B 35 -4.95 -10.15 -27.55
CA TYR B 35 -3.65 -10.79 -27.79
C TYR B 35 -2.91 -11.13 -26.49
N ARG B 36 -3.58 -10.97 -25.36
CA ARG B 36 -2.99 -11.34 -24.08
C ARG B 36 -2.79 -12.86 -24.11
N PRO B 37 -1.84 -13.38 -23.31
CA PRO B 37 -0.99 -12.65 -22.39
C PRO B 37 0.16 -11.96 -23.10
N PHE B 38 0.62 -10.86 -22.52
CA PHE B 38 1.70 -10.09 -23.10
C PHE B 38 3.03 -10.46 -22.46
N LYS B 39 4.10 -10.43 -23.25
CA LYS B 39 5.42 -10.74 -22.72
C LYS B 39 5.94 -9.62 -21.82
N ASP B 40 5.83 -8.39 -22.31
CA ASP B 40 6.24 -7.19 -21.58
C ASP B 40 5.49 -5.98 -22.15
N LEU B 41 5.79 -4.80 -21.62
CA LEU B 41 5.17 -3.58 -22.12
C LEU B 41 5.49 -3.41 -23.59
N ALA B 42 6.69 -3.86 -23.99
CA ALA B 42 7.13 -3.82 -25.39
C ALA B 42 6.21 -4.62 -26.34
N ASP B 43 5.71 -5.76 -25.86
CA ASP B 43 4.74 -6.55 -26.61
C ASP B 43 3.48 -5.73 -26.89
N ILE B 44 2.97 -5.06 -25.85
CA ILE B 44 1.79 -4.20 -25.98
C ILE B 44 2.04 -3.08 -27.01
N GLU B 45 3.21 -2.45 -26.93
CA GLU B 45 3.57 -1.42 -27.89
C GLU B 45 3.55 -1.93 -29.31
N ALA B 46 4.11 -3.12 -29.50
CA ALA B 46 4.24 -3.66 -30.85
C ALA B 46 2.87 -3.99 -31.42
N ARG B 47 2.00 -4.54 -30.56
CA ARG B 47 0.63 -4.90 -30.93
C ARG B 47 -0.17 -3.66 -31.35
N ILE B 48 -0.01 -2.57 -30.60
CA ILE B 48 -0.66 -1.31 -30.93
C ILE B 48 -0.18 -0.76 -32.27
N SER B 49 1.14 -0.77 -32.50
CA SER B 49 1.71 -0.31 -33.78
C SER B 49 1.15 -1.13 -34.96
N GLU B 50 1.10 -2.45 -34.74
CA GLU B 50 0.57 -3.43 -35.69
C GLU B 50 -0.88 -3.08 -36.04
N PHE B 51 -1.67 -2.85 -35.01
CA PHE B 51 -3.08 -2.52 -35.20
C PHE B 51 -3.22 -1.22 -36.00
N ILE B 52 -2.56 -0.16 -35.54
CA ILE B 52 -2.63 1.12 -36.25
C ILE B 52 -2.26 0.96 -37.72
N HIS B 53 -1.19 0.20 -37.97
CA HIS B 53 -0.73 0.07 -39.33
C HIS B 53 -1.63 -0.81 -40.18
N SER B 54 -2.47 -1.63 -39.55
CA SER B 54 -3.44 -2.42 -40.31
C SER B 54 -4.63 -1.59 -40.80
N LEU B 55 -4.81 -0.38 -40.26
CA LEU B 55 -5.94 0.48 -40.65
C LEU B 55 -5.81 1.08 -42.04
N PRO B 56 -6.94 1.31 -42.73
CA PRO B 56 -6.84 2.05 -43.98
C PRO B 56 -6.30 3.44 -43.66
N ASP B 57 -5.87 4.17 -44.67
CA ASP B 57 -5.44 5.55 -44.48
C ASP B 57 -6.49 6.38 -43.75
N SER B 58 -7.77 6.21 -44.11
CA SER B 58 -8.86 6.92 -43.42
C SER B 58 -8.87 6.65 -41.91
N GLY B 59 -8.52 5.44 -41.49
CA GLY B 59 -8.48 5.12 -40.07
C GLY B 59 -7.35 5.88 -39.38
N LYS B 60 -6.22 5.98 -40.06
CA LYS B 60 -5.08 6.74 -39.56
C LYS B 60 -5.43 8.23 -39.44
N GLU B 61 -5.96 8.79 -40.52
CA GLU B 61 -6.47 10.16 -40.48
C GLU B 61 -7.52 10.33 -39.36
N GLY B 62 -8.38 9.33 -39.21
CA GLY B 62 -9.40 9.36 -38.15
C GLY B 62 -8.80 9.48 -36.74
N ILE B 63 -7.77 8.67 -36.49
CA ILE B 63 -7.00 8.77 -35.24
C ILE B 63 -6.47 10.18 -35.02
N LEU B 64 -5.89 10.75 -36.07
CA LEU B 64 -5.35 12.10 -35.97
C LEU B 64 -6.45 13.12 -35.59
N ARG B 65 -7.60 13.01 -36.24
CA ARG B 65 -8.75 13.88 -35.97
C ARG B 65 -9.33 13.77 -34.55
N CYS B 66 -8.94 12.75 -33.81
CA CYS B 66 -9.37 12.61 -32.43
C CYS B 66 -8.47 13.39 -31.47
N HIS B 67 -7.42 14.01 -32.01
CA HIS B 67 -6.48 14.75 -31.19
C HIS B 67 -6.88 16.23 -31.15
N PRO B 68 -6.66 16.88 -29.98
CA PRO B 68 -6.91 18.31 -29.84
C PRO B 68 -5.75 19.09 -30.40
N ASP B 69 -6.02 20.31 -30.85
CA ASP B 69 -4.94 21.21 -31.27
C ASP B 69 -4.01 21.57 -30.11
N LEU B 70 -2.73 21.74 -30.43
CA LEU B 70 -1.79 22.39 -29.54
C LEU B 70 -2.29 23.83 -29.30
N ALA B 71 -2.54 24.18 -28.04
CA ALA B 71 -2.86 25.54 -27.62
C ALA B 71 -4.18 26.07 -28.21
N GLY B 72 -5.07 25.15 -28.56
CA GLY B 72 -6.30 25.52 -29.26
C GLY B 72 -7.49 25.63 -28.33
N ARG B 73 -8.68 25.38 -28.87
CA ARG B 73 -9.93 25.61 -28.14
C ARG B 73 -10.00 24.78 -26.87
N ASP B 74 -9.70 23.49 -26.98
CA ASP B 74 -9.73 22.61 -25.82
C ASP B 74 -8.73 22.99 -24.72
N LEU B 75 -7.51 23.39 -25.09
CA LEU B 75 -6.57 23.89 -24.07
C LEU B 75 -7.20 25.10 -23.35
N GLN B 76 -7.60 26.09 -24.12
CA GLN B 76 -8.10 27.35 -23.59
C GLN B 76 -9.50 27.24 -22.93
N SER B 77 -10.08 26.04 -22.96
CA SER B 77 -11.38 25.79 -22.33
C SER B 77 -11.27 24.79 -21.18
N GLY B 78 -10.06 24.33 -20.90
CA GLY B 78 -9.87 23.34 -19.85
C GLY B 78 -10.61 22.04 -20.13
N THR B 79 -10.69 21.68 -21.41
CA THR B 79 -11.36 20.44 -21.81
C THR B 79 -10.42 19.40 -22.43
N LEU B 80 -9.11 19.52 -22.16
CA LEU B 80 -8.16 18.48 -22.56
C LEU B 80 -8.27 17.31 -21.61
N THR B 81 -7.96 16.12 -22.11
CA THR B 81 -7.81 14.97 -21.23
C THR B 81 -6.60 15.24 -20.30
N PRO B 82 -6.54 14.54 -19.15
CA PRO B 82 -5.39 14.74 -18.25
C PRO B 82 -4.03 14.60 -18.94
N GLU B 83 -3.88 13.56 -19.76
CA GLU B 83 -2.63 13.32 -20.50
C GLU B 83 -2.28 14.49 -21.43
N SER B 84 -3.21 14.86 -22.31
CA SER B 84 -3.01 16.02 -23.18
C SER B 84 -2.67 17.28 -22.40
N GLN B 85 -3.39 17.55 -21.30
CA GLN B 85 -3.13 18.73 -20.47
C GLN B 85 -1.69 18.77 -19.93
N GLU B 86 -1.25 17.67 -19.30
CA GLU B 86 0.13 17.51 -18.81
C GLU B 86 1.18 17.64 -19.91
N GLU B 87 0.94 17.00 -21.05
CA GLU B 87 1.88 17.02 -22.18
C GLU B 87 2.00 18.42 -22.75
N GLN B 88 0.87 19.09 -22.94
CA GLN B 88 0.90 20.44 -23.50
C GLN B 88 1.56 21.45 -22.55
N SER B 89 1.35 21.32 -21.25
CA SER B 89 2.07 22.19 -20.33
C SER B 89 3.56 21.92 -20.41
N GLN B 90 3.94 20.65 -20.50
CA GLN B 90 5.34 20.28 -20.55
C GLN B 90 6.04 20.94 -21.74
N ALA B 91 5.32 21.04 -22.86
CA ALA B 91 5.86 21.65 -24.06
C ALA B 91 5.70 23.18 -24.10
N GLY B 92 5.16 23.77 -23.04
CA GLY B 92 5.05 25.23 -22.94
C GLY B 92 3.78 25.86 -23.49
N MET B 93 2.84 25.02 -23.94
CA MET B 93 1.61 25.47 -24.58
C MET B 93 0.67 26.24 -23.65
N THR B 94 0.80 26.03 -22.34
CA THR B 94 -0.08 26.69 -21.35
C THR B 94 0.44 28.08 -20.93
N THR B 95 1.64 28.44 -21.34
CA THR B 95 2.24 29.72 -20.93
C THR B 95 2.66 30.54 -22.13
N LEU B 96 1.94 30.36 -23.24
CA LEU B 96 2.24 31.14 -24.44
C LEU B 96 1.71 32.55 -24.23
N ASP B 97 2.41 33.54 -24.77
CA ASP B 97 1.88 34.88 -24.67
C ASP B 97 0.86 35.11 -25.79
N SER B 98 0.30 36.31 -25.80
CA SER B 98 -0.74 36.63 -26.75
C SER B 98 -0.30 36.42 -28.19
N ALA B 99 0.90 36.87 -28.53
CA ALA B 99 1.38 36.77 -29.90
C ALA B 99 1.65 35.32 -30.30
N GLU B 100 2.12 34.53 -29.34
CA GLU B 100 2.39 33.11 -29.56
C GLU B 100 1.09 32.32 -29.81
N ILE B 101 0.04 32.68 -29.09
CA ILE B 101 -1.27 32.03 -29.25
C ILE B 101 -1.90 32.29 -30.63
N VAL B 102 -1.87 33.56 -31.05
CA VAL B 102 -2.32 33.93 -32.39
C VAL B 102 -1.52 33.21 -33.50
N HIS B 103 -0.21 33.08 -33.29
CA HIS B 103 0.65 32.38 -34.22
C HIS B 103 0.29 30.88 -34.32
N MET B 104 0.09 30.25 -33.18
CA MET B 104 -0.26 28.81 -33.13
C MET B 104 -1.62 28.56 -33.78
N TYR B 105 -2.57 29.45 -33.52
CA TYR B 105 -3.85 29.43 -34.20
C TYR B 105 -3.68 29.49 -35.72
N ARG B 106 -2.87 30.45 -36.16
CA ARG B 106 -2.60 30.64 -37.58
C ARG B 106 -1.98 29.38 -38.18
N LEU B 107 -0.94 28.86 -37.53
CA LEU B 107 -0.24 27.66 -38.02
C LEU B 107 -1.16 26.43 -38.04
N ASN B 108 -1.92 26.24 -36.97
CA ASN B 108 -2.89 25.14 -36.94
C ASN B 108 -3.95 25.21 -38.04
N SER B 109 -4.55 26.38 -38.24
CA SER B 109 -5.54 26.52 -39.29
C SER B 109 -4.97 26.19 -40.68
N GLU B 110 -3.77 26.69 -40.98
CA GLU B 110 -3.14 26.40 -42.27
C GLU B 110 -2.88 24.92 -42.46
N TYR B 111 -2.40 24.27 -41.39
CA TYR B 111 -2.10 22.85 -41.46
C TYR B 111 -3.37 22.08 -41.73
N LYS B 112 -4.40 22.30 -40.92
CA LYS B 112 -5.62 21.51 -41.07
C LYS B 112 -6.33 21.75 -42.39
N GLU B 113 -6.27 22.99 -42.89
CA GLU B 113 -6.74 23.28 -44.23
C GLU B 113 -5.99 22.48 -45.30
N ARG B 114 -4.67 22.36 -45.16
CA ARG B 114 -3.88 21.61 -46.14
C ARG B 114 -4.14 20.10 -46.06
N PHE B 115 -4.10 19.55 -44.86
CA PHE B 115 -4.07 18.09 -44.70
C PHE B 115 -5.40 17.41 -44.36
N GLY B 116 -6.32 18.16 -43.76
CA GLY B 116 -7.63 17.64 -43.35
C GLY B 116 -7.58 16.80 -42.08
N PHE B 117 -6.58 17.06 -41.25
CA PHE B 117 -6.52 16.55 -39.88
C PHE B 117 -5.65 17.50 -39.06
N PRO B 118 -5.69 17.40 -37.71
CA PRO B 118 -4.89 18.33 -36.91
C PRO B 118 -3.39 18.03 -36.97
N PHE B 119 -2.60 19.03 -36.65
CA PHE B 119 -1.17 18.85 -36.46
C PHE B 119 -0.96 18.11 -35.15
N VAL B 120 -0.24 17.00 -35.24
CA VAL B 120 0.10 16.20 -34.08
C VAL B 120 1.60 15.99 -33.95
N ILE B 121 2.12 16.27 -32.76
CA ILE B 121 3.51 16.02 -32.50
C ILE B 121 3.61 15.43 -31.09
N CYS B 122 4.69 14.71 -30.80
CA CYS B 122 4.93 14.24 -29.45
C CYS B 122 5.42 15.40 -28.57
N ALA B 123 4.50 15.95 -27.77
CA ALA B 123 4.76 17.18 -27.03
C ALA B 123 5.85 16.96 -25.99
N ARG B 124 5.80 15.81 -25.33
CA ARG B 124 6.79 15.53 -24.31
C ARG B 124 8.24 15.44 -24.84
N LEU B 125 8.40 15.33 -26.15
CA LEU B 125 9.74 15.25 -26.74
C LEU B 125 10.18 16.55 -27.41
N ASN B 126 9.33 17.58 -27.33
CA ASN B 126 9.61 18.85 -27.99
C ASN B 126 9.29 20.05 -27.11
N ASN B 127 10.06 21.11 -27.28
CA ASN B 127 9.73 22.37 -26.64
C ASN B 127 9.01 23.26 -27.64
N LYS B 128 8.58 24.43 -27.16
CA LYS B 128 7.88 25.42 -27.96
C LYS B 128 8.51 25.65 -29.33
N ALA B 129 9.82 25.94 -29.33
CA ALA B 129 10.55 26.26 -30.56
C ALA B 129 10.56 25.10 -31.55
N ASP B 130 10.84 23.91 -31.05
CA ASP B 130 10.84 22.67 -31.84
C ASP B 130 9.49 22.50 -32.51
N ILE B 131 8.43 22.84 -31.78
CA ILE B 131 7.06 22.71 -32.26
C ILE B 131 6.76 23.66 -33.42
N VAL B 132 7.15 24.94 -33.31
CA VAL B 132 6.95 25.86 -34.42
C VAL B 132 7.80 25.44 -35.63
N ARG B 133 9.01 24.98 -35.36
CA ARG B 133 9.92 24.56 -36.43
C ARG B 133 9.31 23.42 -37.26
N GLN B 134 8.79 22.41 -36.56
CA GLN B 134 8.25 21.21 -37.20
C GLN B 134 6.94 21.48 -37.92
N LEU B 135 6.11 22.33 -37.32
CA LEU B 135 4.86 22.74 -37.95
C LEU B 135 5.13 23.39 -39.30
N SER B 136 6.04 24.37 -39.29
CA SER B 136 6.39 25.07 -40.52
C SER B 136 7.00 24.10 -41.51
N GLU B 137 7.74 23.13 -40.98
CA GLU B 137 8.39 22.15 -41.82
C GLU B 137 7.41 21.16 -42.43
N ARG B 138 6.54 20.61 -41.59
CA ARG B 138 5.63 19.56 -42.04
C ARG B 138 4.53 20.11 -42.97
N LEU B 139 4.26 21.41 -42.84
CA LEU B 139 3.35 22.13 -43.72
C LEU B 139 3.73 21.96 -45.19
N LYS B 140 5.01 21.73 -45.45
CA LYS B 140 5.53 21.65 -46.80
C LYS B 140 5.47 20.23 -47.35
N ASN B 141 5.18 19.27 -46.49
CA ASN B 141 5.08 17.87 -46.92
C ASN B 141 3.89 17.62 -47.84
N ARG B 142 4.04 16.59 -48.66
CA ARG B 142 2.97 16.02 -49.44
C ARG B 142 2.12 15.16 -48.49
N ARG B 143 0.85 14.94 -48.85
CA ARG B 143 -0.11 14.33 -47.94
C ARG B 143 0.29 12.94 -47.48
N THR B 144 0.80 12.12 -48.40
CA THR B 144 1.12 10.75 -48.09
C THR B 144 2.28 10.69 -47.09
N ALA B 145 3.31 11.48 -47.35
CA ALA B 145 4.46 11.51 -46.46
C ALA B 145 4.04 12.11 -45.11
N GLU B 146 3.21 13.15 -45.13
CA GLU B 146 2.72 13.74 -43.89
C GLU B 146 1.91 12.79 -43.01
N LEU B 147 1.07 11.97 -43.63
CA LEU B 147 0.29 11.00 -42.84
C LEU B 147 1.20 10.03 -42.05
N GLU B 148 2.25 9.54 -42.70
CA GLU B 148 3.22 8.67 -42.05
C GLU B 148 3.93 9.41 -40.91
N CYS B 149 4.38 10.62 -41.19
CA CYS B 149 5.04 11.44 -40.17
C CYS B 149 4.14 11.62 -38.93
N ALA B 150 2.88 11.96 -39.17
CA ALA B 150 1.97 12.27 -38.07
C ALA B 150 1.66 11.01 -37.24
N ILE B 151 1.55 9.87 -37.89
CA ILE B 151 1.23 8.62 -37.17
C ILE B 151 2.42 8.17 -36.32
N GLU B 152 3.62 8.48 -36.79
CA GLU B 152 4.81 8.18 -36.01
C GLU B 152 4.81 8.99 -34.71
N GLU B 153 4.39 10.25 -34.77
CA GLU B 153 4.24 11.05 -33.55
C GLU B 153 3.18 10.44 -32.62
N VAL B 154 2.06 9.96 -33.20
CA VAL B 154 1.02 9.32 -32.40
C VAL B 154 1.59 8.10 -31.65
N LYS B 155 2.40 7.32 -32.35
CA LYS B 155 3.01 6.13 -31.76
C LYS B 155 4.00 6.50 -30.67
N LYS B 156 4.78 7.56 -30.89
CA LYS B 156 5.66 8.04 -29.80
C LYS B 156 4.84 8.45 -28.59
N ILE B 157 3.77 9.22 -28.80
CA ILE B 157 2.92 9.65 -27.69
C ILE B 157 2.41 8.44 -26.93
N CYS B 158 1.98 7.43 -27.67
CA CYS B 158 1.47 6.18 -27.09
C CYS B 158 2.52 5.47 -26.21
N SER B 159 3.72 5.31 -26.75
CA SER B 159 4.80 4.70 -25.99
C SER B 159 5.04 5.42 -24.66
N LEU B 160 5.10 6.76 -24.69
CA LEU B 160 5.29 7.51 -23.44
C LEU B 160 4.12 7.33 -22.51
N ARG B 161 2.89 7.41 -23.03
CA ARG B 161 1.72 7.19 -22.19
C ARG B 161 1.69 5.80 -21.53
N LEU B 162 2.09 4.77 -22.29
CA LEU B 162 2.14 3.40 -21.77
C LEU B 162 3.11 3.33 -20.60
N HIS B 163 4.27 3.98 -20.76
CA HIS B 163 5.31 3.95 -19.73
C HIS B 163 5.04 4.85 -18.52
N SER B 164 4.03 5.70 -18.62
CA SER B 164 3.58 6.48 -17.48
C SER B 164 2.49 5.79 -16.68
N ILE B 165 1.99 4.67 -17.19
CA ILE B 165 1.01 3.88 -16.45
C ILE B 165 1.72 2.95 -15.46
N MET C 1 -22.99 -15.07 -4.37
CA MET C 1 -24.09 -15.99 -3.93
C MET C 1 -25.46 -15.32 -3.96
N ASP C 2 -26.44 -16.04 -4.48
CA ASP C 2 -27.79 -15.50 -4.68
C ASP C 2 -28.56 -15.27 -3.36
N ILE C 3 -29.58 -14.41 -3.41
CA ILE C 3 -30.30 -13.99 -2.21
C ILE C 3 -30.89 -15.17 -1.43
N ASN C 4 -31.39 -16.16 -2.16
CA ASN C 4 -32.00 -17.32 -1.52
C ASN C 4 -30.99 -18.15 -0.75
N VAL C 5 -29.77 -18.21 -1.28
CA VAL C 5 -28.67 -18.90 -0.63
C VAL C 5 -28.29 -18.12 0.64
N VAL C 6 -28.12 -16.80 0.51
CA VAL C 6 -27.88 -15.94 1.67
C VAL C 6 -28.93 -16.14 2.77
N ASN C 7 -30.21 -16.11 2.38
CA ASN C 7 -31.32 -16.22 3.34
C ASN C 7 -31.41 -17.53 4.10
N ALA C 8 -30.87 -18.59 3.50
CA ALA C 8 -30.85 -19.92 4.13
C ALA C 8 -29.65 -20.15 5.07
N LEU C 9 -28.71 -19.21 5.11
CA LEU C 9 -27.54 -19.37 5.98
C LEU C 9 -27.90 -19.36 7.47
N ALA C 10 -27.37 -20.33 8.20
CA ALA C 10 -27.40 -20.31 9.66
C ALA C 10 -26.66 -19.05 10.12
N TYR C 11 -26.98 -18.53 11.31
CA TYR C 11 -26.32 -17.27 11.75
C TYR C 11 -24.78 -17.43 11.80
N GLU C 12 -24.28 -18.59 12.25
CA GLU C 12 -22.82 -18.77 12.33
C GLU C 12 -22.16 -18.57 10.96
N ASP C 13 -22.76 -19.13 9.92
CA ASP C 13 -22.26 -19.00 8.58
C ASP C 13 -22.44 -17.57 8.04
N PHE C 14 -23.59 -16.96 8.35
CA PHE C 14 -23.85 -15.58 7.95
C PHE C 14 -22.79 -14.61 8.54
N VAL C 15 -22.51 -14.76 9.83
CA VAL C 15 -21.49 -13.94 10.50
C VAL C 15 -20.08 -14.26 9.96
N LYS C 16 -19.78 -15.52 9.69
CA LYS C 16 -18.45 -15.83 9.16
C LYS C 16 -18.25 -15.10 7.83
N LEU C 17 -19.30 -15.09 7.01
CA LEU C 17 -19.20 -14.58 5.65
C LEU C 17 -19.25 -13.04 5.59
N PHE C 18 -20.20 -12.46 6.32
CA PHE C 18 -20.44 -11.05 6.26
C PHE C 18 -19.90 -10.28 7.48
N GLY C 19 -19.17 -10.97 8.35
CA GLY C 19 -18.73 -10.41 9.63
C GLY C 19 -17.82 -9.20 9.58
N ASN C 20 -17.23 -8.93 8.42
CA ASN C 20 -16.34 -7.78 8.25
C ASN C 20 -16.81 -6.77 7.21
N VAL C 21 -18.10 -6.76 6.87
CA VAL C 21 -18.56 -5.73 5.91
C VAL C 21 -18.51 -4.35 6.56
N VAL C 22 -18.58 -4.33 7.90
CA VAL C 22 -18.24 -3.11 8.64
C VAL C 22 -17.03 -3.48 9.47
N GLU C 23 -15.92 -2.76 9.22
CA GLU C 23 -14.61 -3.11 9.78
C GLU C 23 -14.64 -3.48 11.28
N LYS C 24 -14.27 -4.74 11.56
CA LYS C 24 -14.17 -5.29 12.92
C LYS C 24 -15.47 -5.12 13.73
N CYS C 25 -16.63 -5.17 13.06
CA CYS C 25 -17.92 -5.02 13.72
C CYS C 25 -18.88 -6.16 13.31
N PRO C 26 -18.49 -7.42 13.60
CA PRO C 26 -19.33 -8.57 13.21
C PRO C 26 -20.70 -8.48 13.87
N LEU C 27 -20.79 -7.77 14.99
CA LEU C 27 -22.07 -7.62 15.72
C LEU C 27 -23.20 -7.02 14.84
N ILE C 28 -22.83 -6.09 13.97
CA ILE C 28 -23.78 -5.47 13.05
C ILE C 28 -24.35 -6.49 12.05
N SER C 29 -23.48 -7.22 11.36
CA SER C 29 -23.90 -8.30 10.46
C SER C 29 -24.66 -9.40 11.22
N ALA C 30 -24.20 -9.73 12.43
CA ALA C 30 -24.88 -10.71 13.27
C ALA C 30 -26.29 -10.23 13.62
N ALA C 31 -26.43 -8.94 13.94
CA ALA C 31 -27.71 -8.37 14.33
C ALA C 31 -28.78 -8.47 13.23
N ILE C 32 -28.43 -8.08 12.02
CA ILE C 32 -29.42 -7.96 10.95
C ILE C 32 -29.98 -9.30 10.52
N TRP C 33 -29.24 -10.38 10.83
CA TRP C 33 -29.73 -11.75 10.54
C TRP C 33 -31.10 -11.99 11.19
N SER C 34 -31.43 -11.22 12.23
CA SER C 34 -32.74 -11.35 12.87
C SER C 34 -33.89 -10.93 11.92
N TYR C 35 -33.58 -10.08 10.95
CA TYR C 35 -34.60 -9.58 10.03
C TYR C 35 -34.80 -10.42 8.75
N ARG C 36 -34.16 -11.58 8.68
CA ARG C 36 -34.33 -12.48 7.53
C ARG C 36 -35.82 -12.79 7.35
N PRO C 37 -36.24 -13.06 6.10
CA PRO C 37 -35.42 -13.10 4.89
C PRO C 37 -35.11 -11.67 4.41
N PHE C 38 -34.03 -11.51 3.69
CA PHE C 38 -33.81 -10.23 3.04
C PHE C 38 -34.45 -10.30 1.65
N LYS C 39 -35.15 -9.24 1.25
CA LYS C 39 -35.81 -9.21 -0.07
C LYS C 39 -34.76 -9.29 -1.18
N ASP C 40 -33.68 -8.54 -0.96
CA ASP C 40 -32.63 -8.34 -1.96
C ASP C 40 -31.39 -7.70 -1.31
N LEU C 41 -30.36 -7.46 -2.11
CA LEU C 41 -29.16 -6.82 -1.62
C LEU C 41 -29.44 -5.46 -0.97
N ALA C 42 -30.29 -4.66 -1.62
CA ALA C 42 -30.68 -3.35 -1.08
C ALA C 42 -31.31 -3.46 0.32
N ASP C 43 -32.01 -4.55 0.56
CA ASP C 43 -32.62 -4.78 1.86
C ASP C 43 -31.55 -5.04 2.92
N ILE C 44 -30.54 -5.84 2.58
CA ILE C 44 -29.41 -6.04 3.49
C ILE C 44 -28.80 -4.70 3.85
N GLU C 45 -28.52 -3.89 2.82
CA GLU C 45 -27.92 -2.58 3.06
C GLU C 45 -28.79 -1.68 3.94
N ALA C 46 -30.10 -1.74 3.70
CA ALA C 46 -31.07 -0.95 4.46
C ALA C 46 -31.07 -1.33 5.94
N ARG C 47 -31.04 -2.63 6.22
CA ARG C 47 -31.02 -3.11 7.61
C ARG C 47 -29.72 -2.65 8.32
N ILE C 48 -28.60 -2.72 7.61
CA ILE C 48 -27.32 -2.25 8.20
C ILE C 48 -27.39 -0.75 8.49
N SER C 49 -27.87 0.03 7.51
CA SER C 49 -28.00 1.48 7.70
C SER C 49 -28.94 1.81 8.87
N GLU C 50 -30.05 1.08 8.95
CA GLU C 50 -31.04 1.31 9.98
C GLU C 50 -30.49 0.94 11.36
N PHE C 51 -29.69 -0.12 11.41
CA PHE C 51 -29.06 -0.52 12.66
C PHE C 51 -28.09 0.57 13.16
N ILE C 52 -27.18 0.97 12.29
CA ILE C 52 -26.21 2.00 12.62
C ILE C 52 -26.90 3.28 13.09
N HIS C 53 -27.92 3.70 12.33
CA HIS C 53 -28.64 4.93 12.68
C HIS C 53 -29.32 4.85 14.05
N SER C 54 -29.69 3.65 14.46
CA SER C 54 -30.34 3.43 15.76
C SER C 54 -29.35 3.54 16.94
N LEU C 55 -28.06 3.53 16.64
CA LEU C 55 -27.06 3.60 17.70
C LEU C 55 -26.99 5.00 18.30
N PRO C 56 -26.57 5.10 19.56
CA PRO C 56 -26.28 6.42 20.11
C PRO C 56 -25.05 6.96 19.38
N ASP C 57 -24.80 8.26 19.48
CA ASP C 57 -23.63 8.86 18.84
C ASP C 57 -22.33 8.15 19.21
N SER C 58 -22.22 7.74 20.47
CA SER C 58 -21.06 6.99 20.95
C SER C 58 -20.84 5.68 20.17
N GLY C 59 -21.94 5.07 19.73
CA GLY C 59 -21.90 3.81 18.97
C GLY C 59 -21.34 4.06 17.58
N LYS C 60 -21.77 5.17 16.99
CA LYS C 60 -21.28 5.58 15.68
C LYS C 60 -19.79 5.91 15.75
N GLU C 61 -19.40 6.69 16.77
CA GLU C 61 -17.97 6.94 17.06
C GLU C 61 -17.19 5.65 17.27
N GLY C 62 -17.77 4.71 18.00
CA GLY C 62 -17.15 3.43 18.24
C GLY C 62 -16.87 2.65 16.97
N ILE C 63 -17.82 2.63 16.04
CA ILE C 63 -17.63 2.00 14.74
C ILE C 63 -16.41 2.61 14.04
N LEU C 64 -16.33 3.94 14.03
CA LEU C 64 -15.21 4.63 13.42
C LEU C 64 -13.89 4.23 14.11
N ARG C 65 -13.91 4.15 15.44
CA ARG C 65 -12.72 3.78 16.21
C ARG C 65 -12.23 2.34 16.00
N CYS C 66 -13.06 1.52 15.37
CA CYS C 66 -12.68 0.17 15.04
C CYS C 66 -11.91 0.10 13.70
N HIS C 67 -11.85 1.22 12.99
CA HIS C 67 -11.16 1.28 11.69
C HIS C 67 -9.69 1.64 11.89
N PRO C 68 -8.81 1.10 11.05
CA PRO C 68 -7.39 1.46 11.07
C PRO C 68 -7.19 2.78 10.32
N ASP C 69 -6.13 3.53 10.61
CA ASP C 69 -5.77 4.71 9.80
C ASP C 69 -5.42 4.31 8.37
N LEU C 70 -5.70 5.19 7.41
CA LEU C 70 -5.09 5.09 6.10
C LEU C 70 -3.59 5.26 6.30
N ALA C 71 -2.82 4.31 5.78
CA ALA C 71 -1.36 4.41 5.76
C ALA C 71 -0.78 4.65 7.13
N GLY C 72 -1.32 3.97 8.14
CA GLY C 72 -0.87 4.14 9.50
C GLY C 72 -0.18 2.90 10.02
N ARG C 73 -0.23 2.73 11.34
CA ARG C 73 0.53 1.70 12.03
C ARG C 73 0.18 0.26 11.62
N ASP C 74 -1.11 0.00 11.42
CA ASP C 74 -1.52 -1.35 11.03
C ASP C 74 -1.05 -1.68 9.60
N LEU C 75 -1.18 -0.72 8.68
CA LEU C 75 -0.63 -0.91 7.36
C LEU C 75 0.88 -1.25 7.45
N GLN C 76 1.62 -0.46 8.22
CA GLN C 76 3.06 -0.69 8.37
C GLN C 76 3.42 -2.05 8.95
N SER C 77 2.62 -2.51 9.91
CA SER C 77 2.89 -3.77 10.60
C SER C 77 2.30 -4.99 9.88
N GLY C 78 1.57 -4.75 8.80
CA GLY C 78 0.91 -5.83 8.07
C GLY C 78 -0.19 -6.48 8.89
N THR C 79 -0.85 -5.69 9.74
CA THR C 79 -1.90 -6.22 10.63
C THR C 79 -3.31 -5.72 10.27
N LEU C 80 -3.50 -5.32 9.03
CA LEU C 80 -4.83 -4.94 8.54
C LEU C 80 -5.63 -6.20 8.21
N THR C 81 -6.95 -6.08 8.24
CA THR C 81 -7.84 -7.13 7.73
C THR C 81 -7.54 -7.36 6.25
N PRO C 82 -7.91 -8.53 5.69
CA PRO C 82 -7.61 -8.70 4.28
C PRO C 82 -8.29 -7.62 3.44
N GLU C 83 -9.51 -7.25 3.79
CA GLU C 83 -10.24 -6.22 3.04
C GLU C 83 -9.53 -4.86 3.09
N SER C 84 -9.17 -4.40 4.28
CA SER C 84 -8.49 -3.09 4.42
C SER C 84 -7.13 -3.09 3.71
N GLN C 85 -6.40 -4.19 3.84
CA GLN C 85 -5.12 -4.35 3.13
C GLN C 85 -5.33 -4.10 1.64
N GLU C 86 -6.24 -4.87 1.04
CA GLU C 86 -6.59 -4.74 -0.37
C GLU C 86 -7.03 -3.32 -0.73
N GLU C 87 -7.94 -2.77 0.08
CA GLU C 87 -8.49 -1.45 -0.19
C GLU C 87 -7.41 -0.34 -0.15
N GLN C 88 -6.55 -0.38 0.87
CA GLN C 88 -5.49 0.62 1.00
C GLN C 88 -4.43 0.44 -0.09
N SER C 89 -4.07 -0.81 -0.39
CA SER C 89 -3.20 -1.08 -1.55
C SER C 89 -3.74 -0.49 -2.85
N GLN C 90 -5.04 -0.66 -3.12
CA GLN C 90 -5.65 -0.10 -4.32
C GLN C 90 -5.71 1.43 -4.34
N ALA C 91 -5.68 2.03 -3.16
CA ALA C 91 -5.79 3.48 -3.02
C ALA C 91 -4.44 4.21 -3.14
N GLY C 92 -3.35 3.46 -3.19
CA GLY C 92 -2.02 4.06 -3.24
C GLY C 92 -1.25 4.13 -1.92
N MET C 93 -1.86 3.65 -0.83
CA MET C 93 -1.25 3.77 0.50
C MET C 93 0.02 2.96 0.75
N THR C 94 0.27 1.93 -0.06
CA THR C 94 1.39 1.04 0.20
C THR C 94 2.67 1.59 -0.41
N THR C 95 2.50 2.52 -1.34
CA THR C 95 3.60 3.02 -2.14
C THR C 95 3.86 4.52 -1.93
N LEU C 96 3.46 5.08 -0.79
CA LEU C 96 3.73 6.50 -0.52
C LEU C 96 5.23 6.76 -0.38
N ASP C 97 5.69 7.90 -0.89
CA ASP C 97 7.06 8.34 -0.65
C ASP C 97 7.19 9.04 0.70
N SER C 98 8.42 9.38 1.10
CA SER C 98 8.67 9.93 2.42
C SER C 98 7.92 11.25 2.65
N ALA C 99 7.77 12.06 1.62
CA ALA C 99 6.99 13.29 1.76
C ALA C 99 5.50 12.98 2.01
N GLU C 100 4.95 12.05 1.25
CA GLU C 100 3.55 11.66 1.42
C GLU C 100 3.29 11.00 2.78
N ILE C 101 4.25 10.20 3.25
CA ILE C 101 4.15 9.60 4.59
C ILE C 101 3.99 10.63 5.70
N VAL C 102 4.81 11.67 5.70
CA VAL C 102 4.73 12.64 6.78
C VAL C 102 3.43 13.48 6.72
N HIS C 103 3.01 13.80 5.49
CA HIS C 103 1.79 14.55 5.24
C HIS C 103 0.58 13.75 5.74
N MET C 104 0.49 12.47 5.36
CA MET C 104 -0.61 11.61 5.83
C MET C 104 -0.60 11.45 7.35
N TYR C 105 0.59 11.26 7.92
CA TYR C 105 0.72 11.15 9.37
C TYR C 105 0.23 12.41 10.07
N ARG C 106 0.67 13.57 9.57
CA ARG C 106 0.27 14.84 10.19
C ARG C 106 -1.25 15.02 10.09
N LEU C 107 -1.81 14.82 8.90
CA LEU C 107 -3.25 15.01 8.71
C LEU C 107 -4.07 14.01 9.56
N ASN C 108 -3.64 12.76 9.58
CA ASN C 108 -4.30 11.76 10.41
C ASN C 108 -4.25 12.15 11.87
N SER C 109 -3.09 12.62 12.31
CA SER C 109 -2.91 13.02 13.70
C SER C 109 -3.84 14.19 14.06
N GLU C 110 -3.86 15.22 13.21
CA GLU C 110 -4.76 16.36 13.43
C GLU C 110 -6.23 15.95 13.44
N TYR C 111 -6.63 15.12 12.48
CA TYR C 111 -8.02 14.64 12.42
C TYR C 111 -8.43 13.90 13.71
N LYS C 112 -7.61 12.95 14.12
CA LYS C 112 -7.88 12.15 15.32
C LYS C 112 -8.00 13.02 16.57
N GLU C 113 -7.11 13.98 16.68
CA GLU C 113 -7.13 14.90 17.80
C GLU C 113 -8.42 15.73 17.80
N ARG C 114 -8.80 16.22 16.62
CA ARG C 114 -9.97 17.09 16.50
C ARG C 114 -11.28 16.35 16.78
N PHE C 115 -11.45 15.18 16.17
CA PHE C 115 -12.72 14.45 16.21
C PHE C 115 -12.80 13.26 17.18
N GLY C 116 -11.66 12.81 17.70
CA GLY C 116 -11.54 11.62 18.56
C GLY C 116 -12.01 10.30 17.92
N PHE C 117 -11.82 10.20 16.61
CA PHE C 117 -11.95 8.92 15.91
C PHE C 117 -11.16 9.06 14.61
N PRO C 118 -10.81 7.91 13.98
CA PRO C 118 -9.94 7.99 12.81
C PRO C 118 -10.65 8.56 11.60
N PHE C 119 -9.86 9.12 10.71
CA PHE C 119 -10.35 9.49 9.40
C PHE C 119 -10.71 8.25 8.56
N VAL C 120 -11.96 8.17 8.14
CA VAL C 120 -12.43 7.06 7.32
C VAL C 120 -13.03 7.55 6.00
N ILE C 121 -12.55 6.96 4.92
CA ILE C 121 -13.07 7.25 3.59
C ILE C 121 -13.18 5.94 2.80
N CYS C 122 -14.13 5.87 1.89
CA CYS C 122 -14.22 4.69 1.04
C CYS C 122 -13.02 4.65 0.06
N ALA C 123 -12.04 3.79 0.36
CA ALA C 123 -10.75 3.81 -0.34
C ALA C 123 -10.88 3.32 -1.78
N ARG C 124 -11.83 2.44 -2.04
CA ARG C 124 -12.02 1.93 -3.41
C ARG C 124 -12.61 2.96 -4.38
N LEU C 125 -13.12 4.07 -3.85
CA LEU C 125 -13.69 5.11 -4.70
C LEU C 125 -12.82 6.39 -4.77
N ASN C 126 -11.64 6.33 -4.16
CA ASN C 126 -10.77 7.52 -4.13
C ASN C 126 -9.31 7.20 -4.37
N ASN C 127 -8.63 8.05 -5.13
CA ASN C 127 -7.20 7.92 -5.22
C ASN C 127 -6.48 8.76 -4.15
N LYS C 128 -5.15 8.76 -4.23
CA LYS C 128 -4.31 9.43 -3.26
C LYS C 128 -4.67 10.90 -3.12
N ALA C 129 -4.78 11.59 -4.25
CA ALA C 129 -5.05 13.03 -4.25
C ALA C 129 -6.45 13.31 -3.69
N ASP C 130 -7.41 12.46 -4.03
CA ASP C 130 -8.78 12.56 -3.51
C ASP C 130 -8.80 12.48 -1.99
N ILE C 131 -8.01 11.55 -1.45
CA ILE C 131 -7.91 11.31 -0.01
C ILE C 131 -7.30 12.49 0.73
N VAL C 132 -6.20 13.00 0.21
CA VAL C 132 -5.57 14.17 0.79
C VAL C 132 -6.54 15.35 0.82
N ARG C 133 -7.24 15.58 -0.29
CA ARG C 133 -8.16 16.71 -0.39
C ARG C 133 -9.33 16.53 0.56
N GLN C 134 -9.86 15.32 0.58
CA GLN C 134 -10.97 15.00 1.48
C GLN C 134 -10.61 15.16 2.95
N LEU C 135 -9.45 14.64 3.32
CA LEU C 135 -8.91 14.86 4.66
C LEU C 135 -8.85 16.33 5.05
N SER C 136 -8.25 17.16 4.20
CA SER C 136 -8.10 18.59 4.48
C SER C 136 -9.46 19.30 4.62
N GLU C 137 -10.38 18.95 3.73
CA GLU C 137 -11.74 19.54 3.77
C GLU C 137 -12.53 19.09 5.00
N ARG C 138 -12.49 17.80 5.30
CA ARG C 138 -13.25 17.29 6.43
C ARG C 138 -12.69 17.75 7.78
N LEU C 139 -11.39 18.02 7.83
CA LEU C 139 -10.78 18.60 9.03
C LEU C 139 -11.47 19.90 9.45
N LYS C 140 -12.05 20.61 8.48
CA LYS C 140 -12.72 21.89 8.72
C LYS C 140 -14.16 21.73 9.21
N ASN C 141 -14.73 20.54 9.06
CA ASN C 141 -16.11 20.30 9.46
C ASN C 141 -16.36 20.45 10.97
N ARG C 142 -17.57 20.86 11.32
CA ARG C 142 -18.06 20.78 12.69
C ARG C 142 -18.15 19.31 13.10
N ARG C 143 -18.00 19.05 14.40
CA ARG C 143 -18.03 17.68 14.90
C ARG C 143 -19.29 16.91 14.52
N THR C 144 -20.46 17.53 14.69
CA THR C 144 -21.72 16.85 14.37
C THR C 144 -21.79 16.46 12.91
N ALA C 145 -21.46 17.40 12.03
CA ALA C 145 -21.48 17.17 10.60
C ALA C 145 -20.47 16.12 10.20
N GLU C 146 -19.32 16.09 10.89
CA GLU C 146 -18.28 15.12 10.53
C GLU C 146 -18.68 13.68 10.85
N LEU C 147 -19.34 13.50 11.99
CA LEU C 147 -19.84 12.15 12.35
C LEU C 147 -20.73 11.61 11.24
N GLU C 148 -21.62 12.48 10.73
CA GLU C 148 -22.54 12.12 9.65
C GLU C 148 -21.77 11.75 8.37
N CYS C 149 -20.83 12.61 8.00
CA CYS C 149 -19.96 12.38 6.87
C CYS C 149 -19.22 11.02 6.91
N ALA C 150 -18.62 10.77 8.06
CA ALA C 150 -17.78 9.60 8.26
C ALA C 150 -18.64 8.33 8.23
N ILE C 151 -19.79 8.37 8.87
CA ILE C 151 -20.66 7.21 8.85
C ILE C 151 -21.17 6.88 7.42
N GLU C 152 -21.43 7.92 6.64
CA GLU C 152 -21.77 7.70 5.24
C GLU C 152 -20.67 6.94 4.50
N GLU C 153 -19.40 7.23 4.81
CA GLU C 153 -18.28 6.51 4.19
C GLU C 153 -18.24 5.04 4.61
N VAL C 154 -18.49 4.79 5.89
CA VAL C 154 -18.63 3.40 6.39
C VAL C 154 -19.67 2.62 5.59
N LYS C 155 -20.81 3.25 5.33
CA LYS C 155 -21.87 2.62 4.58
C LYS C 155 -21.46 2.36 3.13
N LYS C 156 -20.67 3.27 2.56
CA LYS C 156 -20.11 3.05 1.22
C LYS C 156 -19.13 1.85 1.13
N ILE C 157 -18.22 1.79 2.07
CA ILE C 157 -17.29 0.68 2.21
C ILE C 157 -18.08 -0.60 2.37
N CYS C 158 -19.06 -0.56 3.29
CA CYS C 158 -19.94 -1.71 3.50
C CYS C 158 -20.62 -2.15 2.20
N SER C 159 -21.22 -1.23 1.46
CA SER C 159 -21.85 -1.61 0.19
C SER C 159 -20.87 -2.37 -0.73
N LEU C 160 -19.66 -1.84 -0.90
CA LEU C 160 -18.71 -2.47 -1.81
C LEU C 160 -18.26 -3.83 -1.31
N ARG C 161 -18.00 -3.96 0.00
CA ARG C 161 -17.66 -5.26 0.59
C ARG C 161 -18.79 -6.27 0.42
N LEU C 162 -20.03 -5.84 0.60
CA LEU C 162 -21.18 -6.69 0.32
C LEU C 162 -21.22 -7.13 -1.14
N HIS C 163 -21.05 -6.18 -2.06
CA HIS C 163 -21.10 -6.51 -3.50
C HIS C 163 -20.00 -7.51 -3.88
N SER C 164 -18.81 -7.35 -3.31
CA SER C 164 -17.70 -8.28 -3.57
C SER C 164 -18.01 -9.71 -3.15
N ILE C 165 -18.80 -9.86 -2.10
CA ILE C 165 -19.18 -11.19 -1.64
C ILE C 165 -20.31 -11.76 -2.50
N VAL C 166 -21.31 -10.94 -2.75
CA VAL C 166 -22.58 -11.38 -3.33
C VAL C 166 -22.61 -11.37 -4.87
N LEU C 167 -21.66 -10.67 -5.49
CA LEU C 167 -21.54 -10.65 -6.96
C LEU C 167 -20.20 -11.23 -7.40
N ASP D 2 -5.17 1.09 37.52
CA ASP D 2 -5.29 2.53 37.86
C ASP D 2 -6.22 3.29 36.90
N ILE D 3 -7.22 3.97 37.44
CA ILE D 3 -8.21 4.65 36.63
C ILE D 3 -7.66 5.92 35.96
N ASN D 4 -6.67 6.54 36.58
CA ASN D 4 -6.04 7.70 35.97
C ASN D 4 -5.28 7.32 34.72
N VAL D 5 -4.58 6.19 34.77
CA VAL D 5 -3.86 5.66 33.64
C VAL D 5 -4.83 5.31 32.51
N VAL D 6 -5.93 4.66 32.87
CA VAL D 6 -7.00 4.34 31.91
C VAL D 6 -7.56 5.60 31.27
N ASN D 7 -7.92 6.57 32.08
CA ASN D 7 -8.50 7.83 31.61
C ASN D 7 -7.61 8.57 30.62
N ALA D 8 -6.30 8.38 30.69
CA ALA D 8 -5.38 9.09 29.79
C ALA D 8 -5.06 8.36 28.48
N LEU D 9 -5.57 7.15 28.33
CA LEU D 9 -5.37 6.39 27.09
C LEU D 9 -5.98 7.05 25.85
N ALA D 10 -5.22 7.07 24.77
CA ALA D 10 -5.73 7.38 23.45
C ALA D 10 -6.74 6.29 23.10
N TYR D 11 -7.71 6.61 22.25
CA TYR D 11 -8.73 5.60 21.95
C TYR D 11 -8.12 4.31 21.38
N GLU D 12 -7.08 4.43 20.58
CA GLU D 12 -6.45 3.22 20.00
C GLU D 12 -5.96 2.27 21.08
N ASP D 13 -5.37 2.82 22.13
CA ASP D 13 -4.86 2.00 23.22
C ASP D 13 -5.98 1.47 24.12
N PHE D 14 -6.98 2.32 24.34
CA PHE D 14 -8.16 1.90 25.07
C PHE D 14 -8.82 0.68 24.41
N VAL D 15 -8.98 0.74 23.09
CA VAL D 15 -9.65 -0.31 22.32
C VAL D 15 -8.77 -1.56 22.31
N LYS D 16 -7.46 -1.39 22.17
CA LYS D 16 -6.56 -2.52 22.26
C LYS D 16 -6.65 -3.27 23.61
N LEU D 17 -6.75 -2.51 24.69
CA LEU D 17 -6.77 -3.07 26.05
C LEU D 17 -8.12 -3.69 26.38
N PHE D 18 -9.20 -2.96 26.07
CA PHE D 18 -10.55 -3.35 26.49
C PHE D 18 -11.39 -3.96 25.36
N GLY D 19 -10.79 -4.11 24.18
CA GLY D 19 -11.57 -4.44 22.98
C GLY D 19 -12.23 -5.81 22.99
N ASN D 20 -11.78 -6.70 23.88
CA ASN D 20 -12.43 -8.01 23.98
C ASN D 20 -13.17 -8.31 25.29
N VAL D 21 -13.54 -7.27 26.04
CA VAL D 21 -14.24 -7.54 27.30
C VAL D 21 -15.66 -8.02 27.02
N VAL D 22 -16.16 -7.66 25.85
CA VAL D 22 -17.34 -8.32 25.30
C VAL D 22 -16.88 -9.07 24.06
N GLU D 23 -17.07 -10.38 24.07
CA GLU D 23 -16.45 -11.24 23.06
C GLU D 23 -16.60 -10.76 21.61
N LYS D 24 -15.47 -10.50 20.94
CA LYS D 24 -15.46 -10.04 19.54
C LYS D 24 -16.34 -8.81 19.28
N CYS D 25 -16.51 -7.97 20.31
CA CYS D 25 -17.29 -6.74 20.16
C CYS D 25 -16.47 -5.50 20.60
N PRO D 26 -15.35 -5.23 19.89
CA PRO D 26 -14.54 -4.04 20.26
C PRO D 26 -15.32 -2.74 20.16
N LEU D 27 -16.38 -2.73 19.34
CA LEU D 27 -17.21 -1.55 19.21
C LEU D 27 -17.73 -1.03 20.57
N ILE D 28 -18.04 -1.94 21.48
CA ILE D 28 -18.59 -1.54 22.76
C ILE D 28 -17.57 -0.75 23.57
N SER D 29 -16.37 -1.31 23.73
CA SER D 29 -15.27 -0.60 24.37
C SER D 29 -14.98 0.72 23.63
N ALA D 30 -14.97 0.66 22.30
CA ALA D 30 -14.67 1.84 21.50
C ALA D 30 -15.67 2.96 21.80
N ALA D 31 -16.95 2.59 21.90
CA ALA D 31 -18.03 3.55 22.13
C ALA D 31 -17.87 4.25 23.47
N ILE D 32 -17.63 3.47 24.51
CA ILE D 32 -17.66 4.02 25.88
C ILE D 32 -16.51 4.97 26.15
N TRP D 33 -15.49 4.90 25.31
CA TRP D 33 -14.40 5.86 25.39
C TRP D 33 -14.89 7.31 25.23
N SER D 34 -16.05 7.47 24.59
CA SER D 34 -16.66 8.80 24.46
C SER D 34 -17.02 9.42 25.84
N TYR D 35 -17.17 8.58 26.86
CA TYR D 35 -17.64 9.05 28.17
C TYR D 35 -16.56 9.30 29.21
N ARG D 36 -15.29 9.12 28.84
CA ARG D 36 -14.15 9.48 29.66
C ARG D 36 -14.23 10.98 30.04
N PRO D 37 -13.72 11.36 31.22
CA PRO D 37 -13.03 10.47 32.15
C PRO D 37 -14.02 9.65 32.99
N PHE D 38 -13.59 8.44 33.34
CA PHE D 38 -14.37 7.53 34.17
C PHE D 38 -14.08 7.79 35.64
N LYS D 39 -15.09 7.68 36.48
CA LYS D 39 -14.91 7.81 37.94
C LYS D 39 -14.06 6.66 38.48
N ASP D 40 -14.36 5.45 38.01
CA ASP D 40 -13.74 4.21 38.50
C ASP D 40 -14.16 3.03 37.61
N LEU D 41 -13.78 1.81 38.00
CA LEU D 41 -14.15 0.61 37.25
C LEU D 41 -15.67 0.44 37.15
N ALA D 42 -16.36 0.73 38.25
CA ALA D 42 -17.81 0.70 38.28
C ALA D 42 -18.44 1.64 37.25
N ASP D 43 -17.79 2.78 37.00
CA ASP D 43 -18.26 3.72 35.98
C ASP D 43 -18.21 3.07 34.59
N ILE D 44 -17.07 2.44 34.29
CA ILE D 44 -16.87 1.75 33.00
C ILE D 44 -17.94 0.67 32.81
N GLU D 45 -18.11 -0.17 33.83
CA GLU D 45 -19.10 -1.24 33.82
C GLU D 45 -20.49 -0.71 33.56
N ALA D 46 -20.84 0.39 34.22
CA ALA D 46 -22.13 1.03 34.05
C ALA D 46 -22.32 1.56 32.63
N ARG D 47 -21.27 2.13 32.09
CA ARG D 47 -21.32 2.65 30.73
C ARG D 47 -21.54 1.50 29.73
N ILE D 48 -20.82 0.39 29.95
CA ILE D 48 -20.95 -0.78 29.07
C ILE D 48 -22.38 -1.32 29.11
N SER D 49 -22.89 -1.52 30.32
CA SER D 49 -24.25 -1.98 30.55
C SER D 49 -25.30 -1.09 29.90
N GLU D 50 -25.15 0.22 30.05
CA GLU D 50 -26.09 1.20 29.49
C GLU D 50 -26.04 1.21 27.97
N PHE D 51 -24.83 1.11 27.39
CA PHE D 51 -24.70 0.98 25.95
C PHE D 51 -25.46 -0.25 25.41
N ILE D 52 -25.19 -1.40 26.01
CA ILE D 52 -25.84 -2.64 25.59
C ILE D 52 -27.36 -2.51 25.65
N HIS D 53 -27.84 -1.99 26.78
CA HIS D 53 -29.27 -1.78 27.01
C HIS D 53 -29.94 -0.88 25.97
N SER D 54 -29.18 0.07 25.44
CA SER D 54 -29.71 1.01 24.44
C SER D 54 -29.86 0.39 23.05
N LEU D 55 -29.30 -0.80 22.85
CA LEU D 55 -29.32 -1.40 21.52
C LEU D 55 -30.70 -1.96 21.24
N PRO D 56 -31.08 -2.02 19.96
CA PRO D 56 -32.31 -2.74 19.62
C PRO D 56 -32.12 -4.20 20.01
N ASP D 57 -33.20 -4.96 20.08
CA ASP D 57 -33.11 -6.37 20.46
C ASP D 57 -32.12 -7.12 19.56
N SER D 58 -32.17 -6.83 18.26
CA SER D 58 -31.29 -7.46 17.29
C SER D 58 -29.80 -7.21 17.61
N GLY D 59 -29.48 -6.06 18.20
CA GLY D 59 -28.11 -5.77 18.62
C GLY D 59 -27.65 -6.68 19.78
N LYS D 60 -28.56 -6.93 20.71
CA LYS D 60 -28.28 -7.81 21.85
C LYS D 60 -28.08 -9.23 21.31
N GLU D 61 -28.96 -9.64 20.39
CA GLU D 61 -28.80 -10.94 19.74
C GLU D 61 -27.49 -11.00 18.97
N GLY D 62 -27.16 -9.90 18.28
CA GLY D 62 -25.91 -9.80 17.53
C GLY D 62 -24.70 -10.07 18.43
N ILE D 63 -24.71 -9.47 19.62
CA ILE D 63 -23.64 -9.70 20.59
C ILE D 63 -23.57 -11.19 20.94
N LEU D 64 -24.71 -11.80 21.25
CA LEU D 64 -24.73 -13.22 21.57
C LEU D 64 -24.15 -14.04 20.43
N ARG D 65 -24.58 -13.74 19.20
CA ARG D 65 -24.09 -14.42 18.00
C ARG D 65 -22.60 -14.27 17.74
N CYS D 66 -21.96 -13.30 18.38
CA CYS D 66 -20.49 -13.16 18.30
C CYS D 66 -19.73 -14.14 19.24
N HIS D 67 -20.46 -14.83 20.10
CA HIS D 67 -19.83 -15.73 21.09
C HIS D 67 -19.71 -17.13 20.52
N PRO D 68 -18.62 -17.87 20.86
CA PRO D 68 -18.47 -19.26 20.40
C PRO D 68 -19.29 -20.19 21.29
N ASP D 69 -19.74 -21.31 20.74
CA ASP D 69 -20.41 -22.36 21.51
C ASP D 69 -19.50 -22.96 22.57
N LEU D 70 -20.08 -23.33 23.71
CA LEU D 70 -19.34 -24.10 24.70
C LEU D 70 -18.98 -25.44 24.05
N ALA D 71 -17.70 -25.72 23.98
CA ALA D 71 -17.20 -27.01 23.46
C ALA D 71 -17.50 -27.20 21.98
N GLY D 72 -17.73 -26.10 21.29
CA GLY D 72 -18.09 -26.15 19.89
C GLY D 72 -16.89 -26.18 18.96
N ARG D 73 -17.12 -25.75 17.72
CA ARG D 73 -16.13 -25.85 16.65
C ARG D 73 -14.83 -25.11 16.93
N ASP D 74 -14.93 -23.89 17.44
CA ASP D 74 -13.73 -23.10 17.74
C ASP D 74 -12.87 -23.72 18.86
N LEU D 75 -13.51 -24.23 19.90
CA LEU D 75 -12.77 -24.99 20.91
C LEU D 75 -12.05 -26.17 20.28
N GLN D 76 -12.75 -26.99 19.50
CA GLN D 76 -12.13 -28.17 18.90
C GLN D 76 -11.01 -27.81 17.91
N SER D 77 -11.15 -26.65 17.26
CA SER D 77 -10.16 -26.20 16.28
C SER D 77 -9.04 -25.36 16.91
N GLY D 78 -9.17 -25.08 18.20
CA GLY D 78 -8.20 -24.24 18.91
C GLY D 78 -8.18 -22.80 18.41
N THR D 79 -9.35 -22.30 17.99
CA THR D 79 -9.45 -20.94 17.48
C THR D 79 -10.32 -20.01 18.34
N LEU D 80 -10.42 -20.31 19.63
CA LEU D 80 -11.06 -19.40 20.59
C LEU D 80 -10.15 -18.23 20.88
N THR D 81 -10.73 -17.14 21.35
CA THR D 81 -9.95 -16.02 21.86
C THR D 81 -9.25 -16.53 23.12
N PRO D 82 -8.13 -15.88 23.51
CA PRO D 82 -7.43 -16.32 24.72
C PRO D 82 -8.36 -16.36 25.93
N GLU D 83 -9.22 -15.34 26.05
CA GLU D 83 -10.17 -15.29 27.16
C GLU D 83 -11.15 -16.44 27.11
N SER D 84 -11.81 -16.65 25.97
CA SER D 84 -12.74 -17.76 25.87
C SER D 84 -12.10 -19.13 26.10
N GLN D 85 -10.88 -19.33 25.59
CA GLN D 85 -10.17 -20.60 25.84
C GLN D 85 -9.96 -20.82 27.35
N GLU D 86 -9.45 -19.80 28.04
CA GLU D 86 -9.23 -19.88 29.50
C GLU D 86 -10.53 -20.18 30.26
N GLU D 87 -11.60 -19.49 29.90
CA GLU D 87 -12.91 -19.64 30.55
C GLU D 87 -13.49 -21.05 30.31
N GLN D 88 -13.48 -21.50 29.05
CA GLN D 88 -14.01 -22.82 28.74
C GLN D 88 -13.17 -23.95 29.39
N SER D 89 -11.86 -23.79 29.41
CA SER D 89 -11.04 -24.84 30.04
C SER D 89 -11.36 -24.86 31.53
N GLN D 90 -11.52 -23.68 32.10
CA GLN D 90 -11.88 -23.55 33.51
C GLN D 90 -13.22 -24.21 33.82
N ALA D 91 -14.15 -24.21 32.87
CA ALA D 91 -15.49 -24.80 33.09
C ALA D 91 -15.58 -26.28 32.72
N GLY D 92 -14.45 -26.89 32.37
CA GLY D 92 -14.43 -28.32 32.07
C GLY D 92 -14.61 -28.71 30.61
N MET D 93 -14.68 -27.71 29.74
CA MET D 93 -15.00 -27.95 28.33
C MET D 93 -13.87 -28.53 27.48
N THR D 94 -12.64 -28.54 28.00
CA THR D 94 -11.52 -29.07 27.20
C THR D 94 -11.21 -30.56 27.44
N THR D 95 -11.91 -31.19 28.38
CA THR D 95 -11.61 -32.58 28.73
C THR D 95 -12.84 -33.50 28.63
N LEU D 96 -13.77 -33.11 27.76
CA LEU D 96 -14.95 -33.92 27.51
C LEU D 96 -14.60 -35.15 26.69
N ASP D 97 -15.28 -36.25 26.95
CA ASP D 97 -15.10 -37.46 26.14
C ASP D 97 -16.01 -37.38 24.91
N SER D 98 -15.91 -38.34 24.00
CA SER D 98 -16.73 -38.32 22.79
C SER D 98 -18.23 -38.15 23.03
N ALA D 99 -18.79 -38.89 24.00
CA ALA D 99 -20.22 -38.81 24.25
C ALA D 99 -20.62 -37.42 24.71
N GLU D 100 -19.75 -36.83 25.52
CA GLU D 100 -19.98 -35.50 26.09
C GLU D 100 -19.91 -34.40 25.05
N ILE D 101 -18.92 -34.50 24.16
CA ILE D 101 -18.84 -33.60 23.02
C ILE D 101 -20.12 -33.67 22.22
N VAL D 102 -20.59 -34.87 21.93
CA VAL D 102 -21.84 -34.98 21.17
C VAL D 102 -23.03 -34.42 21.97
N HIS D 103 -23.01 -34.62 23.29
CA HIS D 103 -24.09 -34.14 24.16
C HIS D 103 -24.15 -32.61 24.13
N MET D 104 -22.98 -31.99 24.25
CA MET D 104 -22.92 -30.53 24.15
C MET D 104 -23.39 -30.05 22.78
N TYR D 105 -23.00 -30.76 21.73
CA TYR D 105 -23.45 -30.42 20.38
C TYR D 105 -24.98 -30.47 20.27
N ARG D 106 -25.58 -31.54 20.79
CA ARG D 106 -27.02 -31.68 20.76
C ARG D 106 -27.76 -30.61 21.56
N LEU D 107 -27.25 -30.33 22.78
CA LEU D 107 -27.84 -29.33 23.66
C LEU D 107 -27.73 -27.94 23.02
N ASN D 108 -26.56 -27.63 22.45
CA ASN D 108 -26.37 -26.34 21.77
C ASN D 108 -27.24 -26.20 20.53
N SER D 109 -27.38 -27.28 19.77
CA SER D 109 -28.18 -27.26 18.55
C SER D 109 -29.65 -26.98 18.86
N GLU D 110 -30.15 -27.62 19.92
CA GLU D 110 -31.56 -27.44 20.31
C GLU D 110 -31.77 -26.00 20.77
N TYR D 111 -30.82 -25.50 21.55
CA TYR D 111 -30.91 -24.12 22.07
C TYR D 111 -30.91 -23.09 20.92
N LYS D 112 -29.92 -23.19 20.05
CA LYS D 112 -29.76 -22.22 18.98
C LYS D 112 -30.92 -22.28 17.97
N GLU D 113 -31.51 -23.46 17.76
CA GLU D 113 -32.69 -23.56 16.91
C GLU D 113 -33.89 -22.85 17.52
N ARG D 114 -34.08 -23.00 18.82
CA ARG D 114 -35.19 -22.35 19.50
C ARG D 114 -35.04 -20.81 19.56
N PHE D 115 -33.83 -20.33 19.87
CA PHE D 115 -33.68 -18.90 20.18
C PHE D 115 -33.08 -18.04 19.06
N GLY D 116 -32.40 -18.68 18.11
CA GLY D 116 -31.63 -18.03 17.01
C GLY D 116 -30.38 -17.26 17.45
N PHE D 117 -29.78 -17.71 18.55
CA PHE D 117 -28.45 -17.27 18.97
C PHE D 117 -27.80 -18.32 19.87
N PRO D 118 -26.49 -18.22 20.12
CA PRO D 118 -25.83 -19.25 20.94
C PRO D 118 -26.25 -19.20 22.39
N PHE D 119 -26.21 -20.37 23.03
CA PHE D 119 -26.21 -20.46 24.48
C PHE D 119 -24.96 -19.84 25.09
N VAL D 120 -25.17 -18.83 25.90
CA VAL D 120 -24.08 -18.13 26.54
C VAL D 120 -24.28 -18.15 28.05
N ILE D 121 -23.22 -18.53 28.77
CA ILE D 121 -23.23 -18.51 30.22
C ILE D 121 -21.86 -18.01 30.67
N CYS D 122 -21.81 -17.43 31.86
CA CYS D 122 -20.53 -17.01 32.43
C CYS D 122 -19.74 -18.24 32.92
N ALA D 123 -18.90 -18.80 32.06
CA ALA D 123 -18.16 -20.03 32.35
C ALA D 123 -17.36 -20.01 33.67
N ARG D 124 -16.82 -18.86 34.06
CA ARG D 124 -16.00 -18.79 35.27
C ARG D 124 -16.80 -18.93 36.57
N LEU D 125 -18.12 -18.76 36.48
CA LEU D 125 -19.01 -18.89 37.65
C LEU D 125 -19.80 -20.19 37.64
N ASN D 126 -19.49 -21.09 36.70
CA ASN D 126 -20.23 -22.33 36.55
C ASN D 126 -19.31 -23.51 36.27
N ASN D 127 -19.69 -24.70 36.72
CA ASN D 127 -18.95 -25.90 36.35
C ASN D 127 -19.70 -26.65 35.26
N LYS D 128 -19.16 -27.79 34.84
CA LYS D 128 -19.77 -28.60 33.79
C LYS D 128 -21.21 -29.00 34.08
N ALA D 129 -21.47 -29.48 35.30
CA ALA D 129 -22.83 -29.86 35.70
C ALA D 129 -23.78 -28.66 35.66
N ASP D 130 -23.30 -27.53 36.14
CA ASP D 130 -24.05 -26.27 36.07
C ASP D 130 -24.42 -25.93 34.62
N ILE D 131 -23.44 -26.06 33.72
CA ILE D 131 -23.64 -25.74 32.30
C ILE D 131 -24.73 -26.61 31.69
N VAL D 132 -24.60 -27.92 31.87
CA VAL D 132 -25.57 -28.86 31.35
C VAL D 132 -26.99 -28.60 31.88
N ARG D 133 -27.10 -28.28 33.16
CA ARG D 133 -28.42 -27.99 33.74
C ARG D 133 -29.01 -26.71 33.16
N GLN D 134 -28.17 -25.67 33.07
CA GLN D 134 -28.65 -24.37 32.57
C GLN D 134 -29.08 -24.45 31.11
N LEU D 135 -28.33 -25.22 30.32
CA LEU D 135 -28.72 -25.51 28.93
C LEU D 135 -30.11 -26.12 28.81
N SER D 136 -30.44 -27.02 29.72
CA SER D 136 -31.77 -27.64 29.70
C SER D 136 -32.88 -26.75 30.27
N GLU D 137 -32.60 -26.07 31.39
CA GLU D 137 -33.57 -25.18 32.03
C GLU D 137 -33.87 -23.94 31.17
N ARG D 138 -32.84 -23.35 30.59
CA ARG D 138 -33.05 -22.12 29.82
C ARG D 138 -33.79 -22.38 28.52
N LEU D 139 -33.69 -23.61 28.04
CA LEU D 139 -34.44 -24.04 26.89
C LEU D 139 -35.95 -23.84 27.07
N LYS D 140 -36.41 -23.81 28.32
CA LYS D 140 -37.84 -23.65 28.65
C LYS D 140 -38.31 -22.19 28.68
N ASN D 141 -37.38 -21.26 28.71
CA ASN D 141 -37.74 -19.85 28.78
C ASN D 141 -38.38 -19.36 27.49
N ARG D 142 -39.22 -18.33 27.62
CA ARG D 142 -39.80 -17.67 26.47
C ARG D 142 -38.72 -16.79 25.85
N ARG D 143 -38.88 -16.46 24.56
CA ARG D 143 -37.86 -15.71 23.83
C ARG D 143 -37.45 -14.36 24.48
N THR D 144 -38.42 -13.52 24.80
CA THR D 144 -38.06 -12.20 25.37
C THR D 144 -37.32 -12.35 26.70
N ALA D 145 -37.79 -13.25 27.55
CA ALA D 145 -37.14 -13.54 28.83
C ALA D 145 -35.71 -14.11 28.66
N GLU D 146 -35.53 -14.99 27.68
CA GLU D 146 -34.23 -15.62 27.48
C GLU D 146 -33.16 -14.65 26.95
N LEU D 147 -33.54 -13.74 26.06
CA LEU D 147 -32.61 -12.70 25.60
C LEU D 147 -32.07 -11.90 26.76
N GLU D 148 -32.95 -11.49 27.68
CA GLU D 148 -32.53 -10.82 28.92
C GLU D 148 -31.58 -11.66 29.78
N CYS D 149 -31.94 -12.93 29.98
CA CYS D 149 -31.10 -13.86 30.73
C CYS D 149 -29.70 -13.96 30.11
N ALA D 150 -29.67 -14.17 28.79
CA ALA D 150 -28.42 -14.33 28.07
C ALA D 150 -27.53 -13.08 28.13
N ILE D 151 -28.13 -11.89 27.91
CA ILE D 151 -27.35 -10.65 27.99
C ILE D 151 -26.76 -10.43 29.40
N GLU D 152 -27.49 -10.86 30.42
CA GLU D 152 -26.98 -10.78 31.78
C GLU D 152 -25.71 -11.62 31.95
N GLU D 153 -25.68 -12.80 31.33
CA GLU D 153 -24.47 -13.65 31.34
C GLU D 153 -23.31 -12.93 30.64
N VAL D 154 -23.59 -12.31 29.49
CA VAL D 154 -22.56 -11.54 28.78
C VAL D 154 -21.97 -10.50 29.72
N LYS D 155 -22.84 -9.80 30.43
CA LYS D 155 -22.41 -8.74 31.32
C LYS D 155 -21.60 -9.28 32.52
N LYS D 156 -21.87 -10.50 32.95
CA LYS D 156 -21.07 -11.12 34.00
C LYS D 156 -19.67 -11.44 33.47
N ILE D 157 -19.64 -12.00 32.26
CA ILE D 157 -18.38 -12.30 31.57
C ILE D 157 -17.54 -11.04 31.43
N CYS D 158 -18.19 -9.94 31.03
CA CYS D 158 -17.53 -8.65 30.87
C CYS D 158 -16.93 -8.15 32.18
N SER D 159 -17.72 -8.21 33.24
CA SER D 159 -17.24 -7.79 34.57
C SER D 159 -15.96 -8.56 34.97
N LEU D 160 -15.96 -9.88 34.76
CA LEU D 160 -14.78 -10.70 35.07
C LEU D 160 -13.57 -10.37 34.19
N ARG D 161 -13.79 -10.25 32.88
CA ARG D 161 -12.72 -9.82 31.98
C ARG D 161 -12.13 -8.46 32.34
N LEU D 162 -12.99 -7.52 32.71
CA LEU D 162 -12.55 -6.21 33.12
C LEU D 162 -11.66 -6.30 34.36
N HIS D 163 -12.06 -7.12 35.32
CA HIS D 163 -11.30 -7.25 36.57
C HIS D 163 -9.99 -8.01 36.36
N SER D 164 -9.97 -8.92 35.39
CA SER D 164 -8.74 -9.62 35.00
C SER D 164 -7.75 -8.63 34.41
N ILE D 165 -8.29 -7.62 33.73
CA ILE D 165 -7.64 -6.32 33.47
C ILE D 165 -7.69 -5.80 32.02
N ASP E 2 47.65 -12.58 26.09
CA ASP E 2 47.38 -14.04 26.15
C ASP E 2 46.26 -14.44 25.20
N ILE E 3 46.62 -15.06 24.08
CA ILE E 3 45.63 -15.45 23.07
C ILE E 3 44.66 -16.50 23.63
N ASN E 4 45.12 -17.30 24.58
CA ASN E 4 44.28 -18.31 25.20
C ASN E 4 43.12 -17.69 25.94
N VAL E 5 43.35 -16.50 26.53
CA VAL E 5 42.28 -15.80 27.23
C VAL E 5 41.34 -15.13 26.22
N VAL E 6 41.92 -14.45 25.23
CA VAL E 6 41.15 -13.90 24.12
C VAL E 6 40.24 -14.99 23.53
N ASN E 7 40.83 -16.14 23.22
CA ASN E 7 40.10 -17.24 22.62
C ASN E 7 38.94 -17.79 23.45
N ALA E 8 38.92 -17.52 24.75
CA ALA E 8 37.87 -18.02 25.63
C ALA E 8 36.76 -17.00 25.85
N LEU E 9 36.96 -15.77 25.39
CA LEU E 9 35.98 -14.70 25.62
C LEU E 9 34.64 -14.97 24.95
N ALA E 10 33.55 -14.71 25.67
CA ALA E 10 32.23 -14.58 25.08
C ALA E 10 32.30 -13.44 24.04
N TYR E 11 31.49 -13.50 22.99
CA TYR E 11 31.53 -12.45 21.96
C TYR E 11 31.28 -11.06 22.55
N GLU E 12 30.46 -10.96 23.60
CA GLU E 12 30.17 -9.65 24.17
C GLU E 12 31.41 -8.95 24.70
N ASP E 13 32.25 -9.72 25.38
CA ASP E 13 33.47 -9.19 25.96
C ASP E 13 34.53 -8.92 24.91
N PHE E 14 34.56 -9.77 23.89
CA PHE E 14 35.45 -9.61 22.74
C PHE E 14 35.11 -8.34 21.97
N VAL E 15 33.81 -8.08 21.80
CA VAL E 15 33.34 -6.90 21.12
C VAL E 15 33.66 -5.67 21.96
N LYS E 16 33.51 -5.79 23.27
CA LYS E 16 33.83 -4.69 24.18
C LYS E 16 35.32 -4.33 24.11
N LEU E 17 36.17 -5.35 24.05
CA LEU E 17 37.61 -5.17 24.08
C LEU E 17 38.18 -4.72 22.74
N PHE E 18 37.70 -5.35 21.66
CA PHE E 18 38.25 -5.15 20.33
C PHE E 18 37.40 -4.24 19.44
N GLY E 19 36.28 -3.79 19.98
CA GLY E 19 35.25 -3.07 19.19
C GLY E 19 35.63 -1.76 18.51
N ASN E 20 36.74 -1.15 18.93
CA ASN E 20 37.21 0.09 18.31
C ASN E 20 38.59 0.01 17.65
N VAL E 21 39.06 -1.20 17.31
CA VAL E 21 40.35 -1.30 16.62
C VAL E 21 40.25 -0.75 15.19
N VAL E 22 39.03 -0.76 14.64
CA VAL E 22 38.72 -0.02 13.42
C VAL E 22 37.69 1.02 13.85
N GLU E 23 38.05 2.29 13.72
CA GLU E 23 37.30 3.40 14.30
C GLU E 23 35.79 3.38 14.00
N LYS E 24 35.01 3.22 15.07
CA LYS E 24 33.54 3.23 15.01
C LYS E 24 32.95 2.14 14.12
N CYS E 25 33.71 1.06 13.90
CA CYS E 25 33.26 -0.11 13.13
C CYS E 25 33.36 -1.41 13.93
N PRO E 26 32.63 -1.49 15.07
CA PRO E 26 32.67 -2.71 15.92
C PRO E 26 32.22 -3.94 15.14
N LEU E 27 31.39 -3.73 14.12
CA LEU E 27 30.98 -4.80 13.21
C LEU E 27 32.14 -5.65 12.67
N ILE E 28 33.23 -4.98 12.30
CA ILE E 28 34.39 -5.69 11.74
C ILE E 28 35.05 -6.65 12.75
N SER E 29 35.37 -6.15 13.94
CA SER E 29 35.95 -7.05 14.96
C SER E 29 34.93 -8.06 15.51
N ALA E 30 33.67 -7.64 15.59
CA ALA E 30 32.56 -8.53 15.94
C ALA E 30 32.56 -9.70 14.96
N ALA E 31 32.72 -9.41 13.66
CA ALA E 31 32.72 -10.45 12.63
C ALA E 31 33.83 -11.49 12.83
N ILE E 32 35.05 -11.01 13.09
CA ILE E 32 36.23 -11.89 13.18
C ILE E 32 36.15 -12.90 14.32
N TRP E 33 35.32 -12.62 15.31
CA TRP E 33 35.10 -13.58 16.39
C TRP E 33 34.58 -14.94 15.89
N SER E 34 33.91 -14.94 14.74
CA SER E 34 33.52 -16.20 14.07
C SER E 34 34.70 -17.14 13.73
N TYR E 35 35.91 -16.60 13.64
CA TYR E 35 37.06 -17.38 13.16
C TYR E 35 37.95 -17.94 14.27
N ARG E 36 37.55 -17.73 15.52
CA ARG E 36 38.29 -18.25 16.66
C ARG E 36 38.30 -19.79 16.58
N PRO E 37 39.26 -20.43 17.25
CA PRO E 37 40.34 -19.81 17.99
C PRO E 37 41.40 -19.27 17.04
N PHE E 38 42.12 -18.27 17.52
CA PHE E 38 43.18 -17.63 16.77
C PHE E 38 44.50 -18.21 17.24
N LYS E 39 45.46 -18.33 16.33
CA LYS E 39 46.81 -18.79 16.68
C LYS E 39 47.48 -17.79 17.61
N ASP E 40 47.31 -16.51 17.28
CA ASP E 40 47.95 -15.42 18.01
C ASP E 40 47.37 -14.09 17.53
N LEU E 41 47.90 -13.00 18.08
CA LEU E 41 47.45 -11.67 17.73
C LEU E 41 47.59 -11.35 16.25
N ALA E 42 48.64 -11.88 15.62
CA ALA E 42 48.87 -11.65 14.20
C ALA E 42 47.77 -12.27 13.35
N ASP E 43 47.22 -13.39 13.84
CA ASP E 43 46.10 -14.07 13.21
C ASP E 43 44.86 -13.15 13.16
N ILE E 44 44.57 -12.48 14.26
CA ILE E 44 43.43 -11.54 14.34
C ILE E 44 43.64 -10.38 13.37
N GLU E 45 44.85 -9.85 13.43
CA GLU E 45 45.29 -8.76 12.58
C GLU E 45 45.07 -9.14 11.12
N ALA E 46 45.47 -10.35 10.75
CA ALA E 46 45.30 -10.85 9.37
C ALA E 46 43.83 -10.97 8.95
N ARG E 47 43.00 -11.44 9.87
CA ARG E 47 41.59 -11.67 9.58
C ARG E 47 40.86 -10.35 9.39
N ILE E 48 41.20 -9.36 10.19
CA ILE E 48 40.61 -8.03 10.03
C ILE E 48 40.99 -7.47 8.66
N SER E 49 42.27 -7.55 8.32
CA SER E 49 42.75 -7.06 7.03
C SER E 49 41.98 -7.73 5.88
N GLU E 50 41.83 -9.04 5.98
CA GLU E 50 41.12 -9.84 4.99
C GLU E 50 39.63 -9.45 4.91
N PHE E 51 39.02 -9.19 6.06
CA PHE E 51 37.64 -8.71 6.11
C PHE E 51 37.46 -7.38 5.39
N ILE E 52 38.30 -6.39 5.71
CA ILE E 52 38.30 -5.10 5.02
C ILE E 52 38.50 -5.24 3.49
N HIS E 53 39.48 -6.06 3.08
CA HIS E 53 39.78 -6.26 1.67
C HIS E 53 38.61 -6.91 0.92
N SER E 54 37.81 -7.70 1.62
CA SER E 54 36.68 -8.37 1.01
C SER E 54 35.56 -7.37 0.65
N LEU E 55 35.52 -6.26 1.37
CA LEU E 55 34.39 -5.32 1.25
C LEU E 55 34.34 -4.69 -0.13
N PRO E 56 33.14 -4.31 -0.58
CA PRO E 56 33.05 -3.55 -1.83
C PRO E 56 33.72 -2.20 -1.60
N ASP E 57 34.08 -1.52 -2.67
CA ASP E 57 34.72 -0.20 -2.55
C ASP E 57 33.93 0.79 -1.71
N SER E 58 32.59 0.75 -1.81
CA SER E 58 31.76 1.64 -0.99
C SER E 58 31.94 1.34 0.49
N GLY E 59 32.16 0.07 0.82
CA GLY E 59 32.42 -0.34 2.19
C GLY E 59 33.73 0.23 2.68
N LYS E 60 34.76 0.19 1.83
CA LYS E 60 36.04 0.79 2.21
C LYS E 60 35.90 2.31 2.39
N GLU E 61 35.21 2.96 1.46
CA GLU E 61 34.91 4.37 1.59
C GLU E 61 34.20 4.65 2.91
N GLY E 62 33.25 3.77 3.23
CA GLY E 62 32.45 3.92 4.45
C GLY E 62 33.27 3.85 5.71
N ILE E 63 34.25 2.95 5.74
CA ILE E 63 35.18 2.85 6.89
C ILE E 63 35.92 4.19 7.05
N LEU E 64 36.43 4.72 5.93
CA LEU E 64 37.10 6.03 5.96
C LEU E 64 36.17 7.11 6.56
N ARG E 65 34.93 7.17 6.07
CA ARG E 65 33.93 8.11 6.59
C ARG E 65 33.57 7.95 8.06
N CYS E 66 33.91 6.83 8.67
CA CYS E 66 33.69 6.64 10.09
C CYS E 66 34.78 7.28 10.96
N HIS E 67 35.84 7.77 10.31
CA HIS E 67 36.96 8.39 11.03
C HIS E 67 36.77 9.90 11.17
N PRO E 68 37.20 10.47 12.32
CA PRO E 68 37.10 11.92 12.48
C PRO E 68 38.29 12.58 11.80
N ASP E 69 38.13 13.84 11.38
CA ASP E 69 39.25 14.62 10.83
C ASP E 69 40.36 14.87 11.86
N LEU E 70 41.60 14.91 11.38
CA LEU E 70 42.71 15.37 12.20
C LEU E 70 42.44 16.81 12.57
N ALA E 71 42.40 17.09 13.87
CA ALA E 71 42.26 18.47 14.39
C ALA E 71 40.92 19.08 14.04
N GLY E 72 39.95 18.21 13.73
CA GLY E 72 38.65 18.67 13.27
C GLY E 72 37.68 18.98 14.38
N ARG E 73 36.41 19.00 14.04
CA ARG E 73 35.37 19.43 14.97
C ARG E 73 35.30 18.56 16.23
N ASP E 74 35.47 17.25 16.09
CA ASP E 74 35.38 16.34 17.24
C ASP E 74 36.55 16.50 18.21
N LEU E 75 37.75 16.78 17.67
CA LEU E 75 38.89 17.11 18.54
C LEU E 75 38.64 18.40 19.31
N GLN E 76 38.17 19.44 18.62
CA GLN E 76 37.85 20.73 19.27
C GLN E 76 36.78 20.59 20.36
N SER E 77 35.90 19.61 20.17
CA SER E 77 34.73 19.42 21.02
C SER E 77 34.96 18.38 22.13
N GLY E 78 36.10 17.69 22.09
CA GLY E 78 36.38 16.62 23.05
C GLY E 78 35.43 15.43 22.95
N THR E 79 34.93 15.17 21.74
CA THR E 79 34.02 14.04 21.50
C THR E 79 34.68 12.95 20.63
N LEU E 80 36.00 12.91 20.65
CA LEU E 80 36.75 11.88 19.96
C LEU E 80 36.68 10.58 20.77
N THR E 81 36.80 9.42 20.13
CA THR E 81 36.94 8.17 20.88
C THR E 81 38.24 8.23 21.68
N PRO E 82 38.34 7.44 22.77
CA PRO E 82 39.58 7.44 23.59
C PRO E 82 40.84 7.23 22.74
N GLU E 83 40.81 6.26 21.83
CA GLU E 83 41.94 5.98 20.95
C GLU E 83 42.30 7.14 20.03
N SER E 84 41.32 7.71 19.34
CA SER E 84 41.57 8.81 18.43
C SER E 84 42.12 10.02 19.17
N GLN E 85 41.52 10.33 20.31
CA GLN E 85 42.03 11.37 21.21
C GLN E 85 43.53 11.21 21.51
N GLU E 86 43.91 10.03 22.00
CA GLU E 86 45.32 9.73 22.28
C GLU E 86 46.20 9.83 21.03
N GLU E 87 45.72 9.27 19.93
CA GLU E 87 46.49 9.24 18.70
C GLU E 87 46.72 10.66 18.18
N GLN E 88 45.66 11.46 18.18
CA GLN E 88 45.76 12.82 17.67
C GLN E 88 46.65 13.69 18.57
N SER E 89 46.62 13.42 19.88
CA SER E 89 47.46 14.17 20.84
C SER E 89 48.94 13.89 20.62
N GLN E 90 49.30 12.62 20.50
CA GLN E 90 50.68 12.21 20.20
C GLN E 90 51.19 12.83 18.89
N ALA E 91 50.31 12.97 17.90
CA ALA E 91 50.69 13.53 16.61
C ALA E 91 50.79 15.06 16.65
N GLY E 92 50.41 15.66 17.77
CA GLY E 92 50.54 17.11 17.96
C GLY E 92 49.36 17.92 17.46
N MET E 93 48.17 17.30 17.42
CA MET E 93 46.96 17.97 16.95
C MET E 93 46.24 18.77 18.04
N THR E 94 46.58 18.50 19.29
CA THR E 94 45.90 19.13 20.43
C THR E 94 46.59 20.44 20.87
N THR E 95 47.74 20.73 20.27
CA THR E 95 48.49 21.92 20.64
C THR E 95 48.81 22.79 19.42
N LEU E 96 47.90 22.83 18.46
CA LEU E 96 48.08 23.68 17.28
C LEU E 96 47.67 25.10 17.64
N ASP E 97 48.27 26.08 16.98
CA ASP E 97 47.85 27.47 17.15
C ASP E 97 46.85 27.79 16.05
N SER E 98 46.36 29.04 16.05
CA SER E 98 45.27 29.41 15.15
C SER E 98 45.60 29.14 13.69
N ALA E 99 46.76 29.61 13.25
CA ALA E 99 47.18 29.42 11.88
C ALA E 99 47.09 27.95 11.49
N GLU E 100 47.68 27.10 12.32
CA GLU E 100 47.77 25.66 12.02
C GLU E 100 46.40 25.03 11.92
N ILE E 101 45.51 25.40 12.83
CA ILE E 101 44.13 24.92 12.83
C ILE E 101 43.42 25.28 11.54
N VAL E 102 43.68 26.50 11.07
CA VAL E 102 43.13 26.98 9.81
C VAL E 102 43.74 26.23 8.62
N HIS E 103 45.06 26.07 8.62
CA HIS E 103 45.71 25.29 7.58
C HIS E 103 45.11 23.87 7.50
N MET E 104 45.03 23.21 8.65
CA MET E 104 44.45 21.86 8.73
C MET E 104 43.00 21.84 8.24
N TYR E 105 42.20 22.81 8.69
CA TYR E 105 40.81 22.90 8.25
C TYR E 105 40.70 22.95 6.73
N ARG E 106 41.52 23.79 6.10
CA ARG E 106 41.45 23.99 4.65
C ARG E 106 41.95 22.77 3.90
N LEU E 107 43.01 22.14 4.41
CA LEU E 107 43.56 20.96 3.79
C LEU E 107 42.50 19.84 3.86
N ASN E 108 41.87 19.69 5.03
CA ASN E 108 40.81 18.67 5.19
C ASN E 108 39.61 18.92 4.28
N SER E 109 39.15 20.16 4.22
CA SER E 109 38.06 20.56 3.34
C SER E 109 38.35 20.23 1.87
N GLU E 110 39.55 20.56 1.41
CA GLU E 110 39.94 20.26 0.03
C GLU E 110 39.99 18.76 -0.24
N TYR E 111 40.54 18.02 0.71
CA TYR E 111 40.66 16.59 0.56
C TYR E 111 39.26 15.96 0.44
N LYS E 112 38.39 16.29 1.38
CA LYS E 112 37.11 15.58 1.42
C LYS E 112 36.22 15.98 0.25
N GLU E 113 36.35 17.23 -0.22
CA GLU E 113 35.65 17.69 -1.43
C GLU E 113 36.12 16.90 -2.64
N ARG E 114 37.42 16.70 -2.73
CA ARG E 114 38.03 15.96 -3.84
C ARG E 114 37.63 14.48 -3.85
N PHE E 115 37.80 13.81 -2.72
CA PHE E 115 37.64 12.36 -2.65
C PHE E 115 36.27 11.86 -2.15
N GLY E 116 35.58 12.69 -1.37
CA GLY E 116 34.31 12.32 -0.74
C GLY E 116 34.48 11.32 0.43
N PHE E 117 35.63 11.40 1.07
CA PHE E 117 35.88 10.77 2.37
C PHE E 117 36.99 11.54 3.08
N PRO E 118 37.11 11.35 4.41
CA PRO E 118 38.10 12.12 5.17
C PRO E 118 39.53 11.64 4.93
N PHE E 119 40.48 12.56 5.12
CA PHE E 119 41.88 12.22 5.12
C PHE E 119 42.24 11.39 6.35
N VAL E 120 42.74 10.18 6.11
CA VAL E 120 43.12 9.31 7.22
C VAL E 120 44.59 8.92 7.12
N ILE E 121 45.31 9.05 8.24
CA ILE E 121 46.69 8.63 8.30
C ILE E 121 46.94 7.97 9.65
N CYS E 122 47.90 7.08 9.73
CA CYS E 122 48.20 6.47 11.02
C CYS E 122 48.92 7.49 11.91
N ALA E 123 48.18 8.12 12.82
CA ALA E 123 48.68 9.25 13.63
C ALA E 123 49.92 8.88 14.47
N ARG E 124 49.95 7.64 14.97
CA ARG E 124 51.01 7.23 15.88
C ARG E 124 52.35 7.07 15.20
N LEU E 125 52.34 6.96 13.87
CA LEU E 125 53.58 6.80 13.11
C LEU E 125 54.07 8.11 12.51
N ASN E 126 53.26 9.17 12.67
CA ASN E 126 53.54 10.46 12.03
C ASN E 126 53.53 11.63 13.01
N ASN E 127 54.36 12.62 12.75
CA ASN E 127 54.27 13.87 13.49
C ASN E 127 53.54 14.94 12.67
N LYS E 128 53.38 16.11 13.28
CA LYS E 128 52.70 17.27 12.68
C LYS E 128 53.21 17.55 11.27
N ALA E 129 54.53 17.62 11.13
CA ALA E 129 55.15 17.88 9.84
C ALA E 129 54.84 16.79 8.81
N ASP E 130 54.87 15.54 9.24
CA ASP E 130 54.59 14.43 8.33
C ASP E 130 53.16 14.53 7.80
N ILE E 131 52.24 14.88 8.68
CA ILE E 131 50.83 14.96 8.34
C ILE E 131 50.57 16.00 7.26
N VAL E 132 51.07 17.22 7.47
CA VAL E 132 50.88 18.29 6.50
C VAL E 132 51.42 17.85 5.14
N ARG E 133 52.60 17.22 5.13
CA ARG E 133 53.23 16.83 3.87
C ARG E 133 52.45 15.74 3.15
N GLN E 134 51.95 14.77 3.93
CA GLN E 134 51.16 13.68 3.38
C GLN E 134 49.83 14.16 2.84
N LEU E 135 49.19 15.04 3.61
CA LEU E 135 47.92 15.64 3.19
C LEU E 135 48.08 16.35 1.85
N SER E 136 49.17 17.08 1.70
CA SER E 136 49.47 17.77 0.44
C SER E 136 49.82 16.81 -0.69
N GLU E 137 50.61 15.78 -0.39
CA GLU E 137 50.99 14.78 -1.39
C GLU E 137 49.80 13.95 -1.89
N ARG E 138 48.97 13.49 -0.96
CA ARG E 138 47.89 12.57 -1.31
C ARG E 138 46.74 13.28 -2.02
N LEU E 139 46.64 14.58 -1.79
CA LEU E 139 45.67 15.42 -2.49
C LEU E 139 45.87 15.37 -4.01
N LYS E 140 47.04 14.92 -4.45
CA LYS E 140 47.32 14.78 -5.89
C LYS E 140 46.98 13.42 -6.48
N ASN E 141 46.81 12.41 -5.63
CA ASN E 141 46.45 11.09 -6.11
C ASN E 141 45.09 11.14 -6.79
N ARG E 142 44.84 10.16 -7.64
CA ARG E 142 43.51 9.91 -8.17
C ARG E 142 42.84 8.92 -7.23
N ARG E 143 41.52 8.76 -7.38
CA ARG E 143 40.68 8.05 -6.38
C ARG E 143 41.11 6.64 -6.05
N THR E 144 41.33 5.81 -7.07
CA THR E 144 41.56 4.39 -6.81
C THR E 144 42.85 4.20 -6.00
N ALA E 145 43.87 4.97 -6.35
CA ALA E 145 45.16 4.98 -5.65
C ALA E 145 45.00 5.49 -4.21
N GLU E 146 44.25 6.58 -4.05
CA GLU E 146 44.05 7.16 -2.73
C GLU E 146 43.26 6.23 -1.81
N LEU E 147 42.25 5.56 -2.36
CA LEU E 147 41.46 4.64 -1.54
C LEU E 147 42.37 3.54 -0.99
N GLU E 148 43.26 3.01 -1.83
CA GLU E 148 44.08 1.88 -1.38
C GLU E 148 45.06 2.41 -0.33
N CYS E 149 45.56 3.63 -0.57
CA CYS E 149 46.47 4.32 0.32
C CYS E 149 45.85 4.55 1.71
N ALA E 150 44.65 5.14 1.71
CA ALA E 150 43.94 5.42 2.94
C ALA E 150 43.63 4.14 3.74
N ILE E 151 43.25 3.06 3.05
CA ILE E 151 42.92 1.80 3.73
C ILE E 151 44.15 1.12 4.35
N GLU E 152 45.30 1.27 3.70
CA GLU E 152 46.55 0.84 4.33
C GLU E 152 46.76 1.56 5.66
N GLU E 153 46.47 2.85 5.68
CA GLU E 153 46.58 3.61 6.92
C GLU E 153 45.63 3.08 7.99
N VAL E 154 44.41 2.78 7.58
CA VAL E 154 43.43 2.17 8.50
C VAL E 154 43.99 0.89 9.11
N LYS E 155 44.63 0.07 8.26
CA LYS E 155 45.15 -1.20 8.72
C LYS E 155 46.33 -1.01 9.70
N LYS E 156 47.17 0.00 9.46
CA LYS E 156 48.24 0.38 10.39
C LYS E 156 47.66 0.85 11.74
N ILE E 157 46.66 1.75 11.72
CA ILE E 157 45.99 2.17 12.95
C ILE E 157 45.48 0.95 13.73
N CYS E 158 44.85 0.02 13.01
CA CYS E 158 44.24 -1.16 13.62
C CYS E 158 45.33 -2.03 14.29
N SER E 159 46.36 -2.32 13.53
CA SER E 159 47.53 -3.02 14.07
C SER E 159 47.99 -2.43 15.41
N LEU E 160 48.16 -1.11 15.44
CA LEU E 160 48.64 -0.46 16.65
C LEU E 160 47.63 -0.51 17.79
N ARG E 161 46.34 -0.38 17.47
CA ARG E 161 45.30 -0.42 18.49
C ARG E 161 45.22 -1.83 19.08
N LEU E 162 45.35 -2.84 18.22
CA LEU E 162 45.38 -4.21 18.66
C LEU E 162 46.51 -4.43 19.66
N HIS E 163 47.67 -3.88 19.35
CA HIS E 163 48.85 -4.11 20.19
C HIS E 163 48.82 -3.32 21.50
N SER E 164 47.88 -2.38 21.63
CA SER E 164 47.71 -1.62 22.88
C SER E 164 46.59 -2.19 23.77
N ILE E 165 45.93 -3.24 23.30
CA ILE E 165 44.85 -3.80 24.08
C ILE E 165 45.42 -4.55 25.29
N MET F 1 9.86 13.73 4.73
CA MET F 1 11.18 14.36 4.47
C MET F 1 11.46 14.42 2.96
N ASP F 2 12.25 15.41 2.57
CA ASP F 2 12.54 15.68 1.18
C ASP F 2 13.77 14.89 0.75
N ILE F 3 13.60 13.96 -0.19
CA ILE F 3 14.72 13.14 -0.65
C ILE F 3 15.82 14.03 -1.25
N ASN F 4 15.41 15.17 -1.79
CA ASN F 4 16.35 16.16 -2.33
C ASN F 4 17.26 16.75 -1.27
N VAL F 5 16.73 17.02 -0.07
CA VAL F 5 17.54 17.51 1.03
C VAL F 5 18.51 16.41 1.48
N VAL F 6 18.02 15.18 1.57
CA VAL F 6 18.89 14.05 1.93
C VAL F 6 20.02 13.86 0.91
N ASN F 7 19.69 13.95 -0.38
CA ASN F 7 20.67 13.74 -1.44
C ASN F 7 21.76 14.82 -1.43
N ALA F 8 21.43 15.97 -0.86
CA ALA F 8 22.34 17.12 -0.82
C ALA F 8 23.28 17.11 0.39
N LEU F 9 23.01 16.22 1.35
CA LEU F 9 23.81 16.11 2.58
C LEU F 9 25.26 15.71 2.32
N ALA F 10 26.17 16.38 3.03
CA ALA F 10 27.57 15.98 3.06
C ALA F 10 27.63 14.66 3.82
N TYR F 11 28.66 13.87 3.60
CA TYR F 11 28.68 12.53 4.22
C TYR F 11 28.63 12.61 5.75
N GLU F 12 29.26 13.62 6.33
CA GLU F 12 29.27 13.71 7.79
C GLU F 12 27.85 13.84 8.34
N ASP F 13 27.04 14.70 7.71
CA ASP F 13 25.65 14.89 8.13
C ASP F 13 24.75 13.68 7.78
N PHE F 14 24.98 13.09 6.62
CA PHE F 14 24.28 11.86 6.26
C PHE F 14 24.50 10.76 7.33
N VAL F 15 25.75 10.56 7.72
CA VAL F 15 26.09 9.56 8.73
C VAL F 15 25.52 9.96 10.10
N LYS F 16 25.58 11.24 10.42
CA LYS F 16 24.99 11.69 11.69
C LYS F 16 23.51 11.34 11.74
N LEU F 17 22.81 11.60 10.64
CA LEU F 17 21.39 11.40 10.56
C LEU F 17 21.00 9.91 10.49
N PHE F 18 21.70 9.14 9.67
CA PHE F 18 21.31 7.75 9.39
C PHE F 18 22.25 6.72 10.05
N GLY F 19 23.23 7.20 10.80
CA GLY F 19 24.29 6.34 11.35
C GLY F 19 23.85 5.19 12.24
N ASN F 20 22.65 5.27 12.80
CA ASN F 20 22.15 4.24 13.68
C ASN F 20 20.86 3.54 13.23
N VAL F 21 20.54 3.60 11.93
CA VAL F 21 19.41 2.83 11.41
C VAL F 21 19.71 1.34 11.45
N VAL F 22 20.99 0.98 11.40
CA VAL F 22 21.41 -0.35 11.83
C VAL F 22 22.23 -0.20 13.13
N GLU F 23 21.75 -0.83 14.20
CA GLU F 23 22.28 -0.61 15.54
C GLU F 23 23.82 -0.66 15.59
N LYS F 24 24.41 0.48 15.95
CA LYS F 24 25.87 0.59 16.16
C LYS F 24 26.67 0.25 14.91
N CYS F 25 26.05 0.45 13.75
CA CYS F 25 26.70 0.16 12.46
C CYS F 25 26.66 1.37 11.52
N PRO F 26 27.27 2.49 11.94
CA PRO F 26 27.32 3.69 11.06
C PRO F 26 27.98 3.41 9.70
N LEU F 27 28.87 2.41 9.65
CA LEU F 27 29.55 2.02 8.40
C LEU F 27 28.56 1.78 7.27
N ILE F 28 27.41 1.19 7.59
CA ILE F 28 26.41 0.94 6.58
C ILE F 28 25.90 2.22 5.92
N SER F 29 25.47 3.19 6.73
CA SER F 29 25.05 4.48 6.22
C SER F 29 26.19 5.18 5.49
N ALA F 30 27.39 5.09 6.04
CA ALA F 30 28.57 5.73 5.44
C ALA F 30 28.84 5.14 4.05
N ALA F 31 28.64 3.83 3.89
CA ALA F 31 28.92 3.22 2.60
C ALA F 31 27.87 3.59 1.56
N ILE F 32 26.58 3.49 1.93
CA ILE F 32 25.52 3.69 0.93
C ILE F 32 25.53 5.10 0.36
N TRP F 33 26.11 6.04 1.09
CA TRP F 33 26.25 7.42 0.61
C TRP F 33 27.00 7.49 -0.73
N SER F 34 27.88 6.52 -0.99
CA SER F 34 28.59 6.47 -2.28
C SER F 34 27.62 6.35 -3.46
N TYR F 35 26.43 5.78 -3.23
CA TYR F 35 25.49 5.48 -4.33
C TYR F 35 24.42 6.56 -4.54
N ARG F 36 24.52 7.66 -3.80
CA ARG F 36 23.64 8.80 -4.00
C ARG F 36 23.76 9.36 -5.44
N PRO F 37 22.68 9.97 -5.95
CA PRO F 37 21.43 10.27 -5.25
C PRO F 37 20.51 9.07 -5.12
N PHE F 38 19.62 9.15 -4.13
CA PHE F 38 18.64 8.11 -3.92
C PHE F 38 17.35 8.58 -4.58
N LYS F 39 16.68 7.66 -5.27
CA LYS F 39 15.43 7.95 -5.93
C LYS F 39 14.33 8.28 -4.92
N ASP F 40 14.40 7.60 -3.77
CA ASP F 40 13.40 7.76 -2.71
C ASP F 40 13.80 6.95 -1.48
N LEU F 41 12.95 7.00 -0.45
CA LEU F 41 13.23 6.25 0.77
C LEU F 41 13.44 4.77 0.49
N ALA F 42 12.59 4.19 -0.35
CA ALA F 42 12.71 2.78 -0.71
C ALA F 42 14.07 2.44 -1.33
N ASP F 43 14.63 3.39 -2.07
CA ASP F 43 15.96 3.25 -2.66
C ASP F 43 17.04 3.17 -1.56
N ILE F 44 16.94 4.04 -0.57
CA ILE F 44 17.83 3.96 0.59
C ILE F 44 17.78 2.55 1.21
N GLU F 45 16.57 2.06 1.48
CA GLU F 45 16.43 0.74 2.08
C GLU F 45 17.01 -0.37 1.21
N ALA F 46 16.85 -0.24 -0.10
CA ALA F 46 17.38 -1.22 -1.06
C ALA F 46 18.90 -1.24 -1.00
N ARG F 47 19.51 -0.06 -0.94
CA ARG F 47 20.96 0.04 -0.89
C ARG F 47 21.48 -0.60 0.39
N ILE F 48 20.75 -0.38 1.49
CA ILE F 48 21.15 -0.94 2.78
C ILE F 48 21.15 -2.48 2.71
N SER F 49 20.06 -3.05 2.21
CA SER F 49 19.91 -4.49 2.05
C SER F 49 21.04 -5.05 1.19
N GLU F 50 21.31 -4.39 0.07
CA GLU F 50 22.35 -4.84 -0.86
C GLU F 50 23.73 -4.81 -0.22
N PHE F 51 24.00 -3.78 0.58
CA PHE F 51 25.27 -3.72 1.30
C PHE F 51 25.41 -4.90 2.28
N ILE F 52 24.36 -5.12 3.08
CA ILE F 52 24.39 -6.21 4.05
C ILE F 52 24.60 -7.55 3.35
N HIS F 53 23.86 -7.75 2.26
CA HIS F 53 24.01 -8.96 1.45
C HIS F 53 25.40 -9.21 0.86
N SER F 54 26.12 -8.12 0.58
CA SER F 54 27.48 -8.21 0.06
C SER F 54 28.55 -8.63 1.10
N LEU F 55 28.19 -8.62 2.37
CA LEU F 55 29.13 -8.98 3.44
C LEU F 55 29.30 -10.49 3.54
N PRO F 56 30.50 -10.95 3.95
CA PRO F 56 30.58 -12.36 4.34
C PRO F 56 29.56 -12.67 5.45
N ASP F 57 29.19 -13.93 5.58
CA ASP F 57 28.33 -14.35 6.69
C ASP F 57 28.84 -13.88 8.04
N SER F 58 30.16 -13.88 8.22
CA SER F 58 30.76 -13.37 9.46
C SER F 58 30.42 -11.88 9.69
N GLY F 59 30.36 -11.11 8.60
CA GLY F 59 29.94 -9.72 8.67
C GLY F 59 28.48 -9.58 9.12
N LYS F 60 27.62 -10.46 8.62
CA LYS F 60 26.23 -10.51 9.04
C LYS F 60 26.15 -10.86 10.55
N GLU F 61 26.92 -11.87 10.95
CA GLU F 61 26.99 -12.20 12.38
C GLU F 61 27.56 -11.01 13.19
N GLY F 62 28.54 -10.30 12.63
CA GLY F 62 29.09 -9.11 13.28
C GLY F 62 27.99 -8.08 13.55
N ILE F 63 27.14 -7.83 12.56
CA ILE F 63 26.01 -6.91 12.75
C ILE F 63 25.14 -7.31 13.95
N LEU F 64 24.76 -8.57 13.99
CA LEU F 64 23.94 -9.08 15.06
C LEU F 64 24.61 -8.85 16.40
N ARG F 65 25.93 -9.08 16.45
CA ARG F 65 26.72 -8.95 17.68
C ARG F 65 26.85 -7.53 18.19
N CYS F 66 26.54 -6.55 17.34
CA CYS F 66 26.44 -5.15 17.72
C CYS F 66 25.12 -4.78 18.44
N HIS F 67 24.16 -5.71 18.44
CA HIS F 67 22.84 -5.47 19.04
C HIS F 67 22.81 -5.84 20.51
N PRO F 68 22.11 -5.02 21.33
CA PRO F 68 21.87 -5.34 22.75
C PRO F 68 20.82 -6.43 22.93
N ASP F 69 20.92 -7.20 24.01
CA ASP F 69 19.89 -8.15 24.37
C ASP F 69 18.58 -7.46 24.75
N LEU F 70 17.47 -8.08 24.39
CA LEU F 70 16.19 -7.64 24.91
C LEU F 70 16.20 -7.81 26.43
N ALA F 71 15.89 -6.73 27.15
CA ALA F 71 15.82 -6.77 28.62
C ALA F 71 17.16 -7.07 29.31
N GLY F 72 18.26 -6.92 28.57
CA GLY F 72 19.58 -7.30 29.07
C GLY F 72 20.27 -6.21 29.85
N ARG F 73 21.59 -6.38 29.99
CA ARG F 73 22.39 -5.51 30.84
C ARG F 73 22.28 -4.03 30.46
N ASP F 74 22.25 -3.73 29.16
CA ASP F 74 22.21 -2.33 28.72
C ASP F 74 20.87 -1.66 29.03
N LEU F 75 19.78 -2.41 28.88
CA LEU F 75 18.47 -1.91 29.30
C LEU F 75 18.47 -1.63 30.80
N GLN F 76 18.91 -2.61 31.58
CA GLN F 76 18.90 -2.49 33.02
C GLN F 76 19.81 -1.36 33.53
N SER F 77 20.93 -1.12 32.84
CA SER F 77 21.87 -0.04 33.21
C SER F 77 21.57 1.33 32.54
N GLY F 78 20.52 1.38 31.73
CA GLY F 78 20.16 2.61 31.02
C GLY F 78 21.17 3.09 29.99
N THR F 79 21.85 2.15 29.31
CA THR F 79 22.86 2.52 28.31
C THR F 79 22.54 2.00 26.92
N LEU F 80 21.25 1.90 26.61
CA LEU F 80 20.84 1.57 25.26
C LEU F 80 20.89 2.83 24.42
N THR F 81 21.01 2.68 23.10
CA THR F 81 20.85 3.82 22.22
C THR F 81 19.42 4.34 22.37
N PRO F 82 19.16 5.59 21.97
CA PRO F 82 17.80 6.12 22.12
C PRO F 82 16.75 5.27 21.41
N GLU F 83 17.05 4.84 20.17
CA GLU F 83 16.16 3.98 19.41
C GLU F 83 15.89 2.64 20.12
N SER F 84 16.94 1.97 20.55
CA SER F 84 16.79 0.69 21.25
C SER F 84 15.94 0.85 22.51
N GLN F 85 16.16 1.93 23.26
CA GLN F 85 15.37 2.16 24.47
C GLN F 85 13.88 2.28 24.15
N GLU F 86 13.54 3.15 23.20
CA GLU F 86 12.15 3.31 22.76
C GLU F 86 11.54 2.00 22.29
N GLU F 87 12.28 1.27 21.46
CA GLU F 87 11.84 -0.01 20.89
C GLU F 87 11.59 -1.07 21.96
N GLN F 88 12.55 -1.25 22.86
CA GLN F 88 12.36 -2.19 23.94
C GLN F 88 11.22 -1.78 24.89
N SER F 89 11.02 -0.49 25.10
CA SER F 89 9.90 -0.05 25.95
C SER F 89 8.55 -0.37 25.31
N GLN F 90 8.42 -0.10 24.02
CA GLN F 90 7.22 -0.47 23.29
C GLN F 90 6.88 -1.96 23.39
N ALA F 91 7.91 -2.81 23.32
CA ALA F 91 7.71 -4.26 23.38
C ALA F 91 7.48 -4.80 24.80
N GLY F 92 7.48 -3.92 25.79
CA GLY F 92 7.20 -4.33 27.17
C GLY F 92 8.41 -4.74 27.99
N MET F 93 9.61 -4.54 27.46
CA MET F 93 10.84 -4.96 28.17
C MET F 93 11.17 -4.13 29.41
N THR F 94 10.56 -2.96 29.57
CA THR F 94 10.93 -2.08 30.68
C THR F 94 10.01 -2.21 31.88
N THR F 95 8.96 -3.00 31.74
CA THR F 95 7.97 -3.14 32.78
C THR F 95 7.88 -4.61 33.21
N LEU F 96 8.90 -5.39 32.85
CA LEU F 96 8.99 -6.78 33.29
C LEU F 96 9.14 -6.86 34.80
N ASP F 97 8.56 -7.91 35.38
CA ASP F 97 8.78 -8.19 36.80
C ASP F 97 10.04 -9.06 36.99
N SER F 98 10.37 -9.35 38.25
CA SER F 98 11.59 -10.08 38.58
C SER F 98 11.69 -11.42 37.88
N ALA F 99 10.60 -12.19 37.91
CA ALA F 99 10.56 -13.48 37.26
C ALA F 99 10.82 -13.35 35.74
N GLU F 100 10.19 -12.36 35.13
CA GLU F 100 10.25 -12.18 33.69
C GLU F 100 11.64 -11.70 33.27
N ILE F 101 12.21 -10.81 34.06
CA ILE F 101 13.60 -10.37 33.84
C ILE F 101 14.53 -11.58 33.83
N VAL F 102 14.39 -12.45 34.82
CA VAL F 102 15.18 -13.67 34.87
C VAL F 102 14.89 -14.60 33.68
N HIS F 103 13.62 -14.71 33.32
CA HIS F 103 13.21 -15.54 32.19
C HIS F 103 13.88 -15.07 30.90
N MET F 104 13.88 -13.75 30.64
CA MET F 104 14.54 -13.23 29.43
C MET F 104 16.03 -13.52 29.47
N TYR F 105 16.64 -13.36 30.64
CA TYR F 105 18.05 -13.62 30.78
C TYR F 105 18.36 -15.09 30.41
N ARG F 106 17.54 -16.00 30.88
CA ARG F 106 17.73 -17.43 30.62
C ARG F 106 17.57 -17.78 29.15
N LEU F 107 16.54 -17.22 28.54
CA LEU F 107 16.23 -17.48 27.14
C LEU F 107 17.34 -16.95 26.24
N ASN F 108 17.75 -15.69 26.50
CA ASN F 108 18.86 -15.07 25.79
C ASN F 108 20.13 -15.87 25.96
N SER F 109 20.39 -16.31 27.19
CA SER F 109 21.57 -17.14 27.47
C SER F 109 21.62 -18.39 26.60
N GLU F 110 20.53 -19.18 26.58
CA GLU F 110 20.49 -20.39 25.76
C GLU F 110 20.67 -20.06 24.27
N TYR F 111 19.97 -19.03 23.82
CA TYR F 111 20.05 -18.64 22.40
C TYR F 111 21.49 -18.30 21.98
N LYS F 112 22.16 -17.46 22.75
CA LYS F 112 23.46 -16.95 22.32
C LYS F 112 24.52 -18.04 22.45
N GLU F 113 24.34 -18.94 23.42
CA GLU F 113 25.20 -20.11 23.53
C GLU F 113 25.10 -20.96 22.26
N ARG F 114 23.88 -21.18 21.79
CA ARG F 114 23.66 -22.02 20.61
C ARG F 114 24.17 -21.39 19.32
N PHE F 115 23.90 -20.10 19.13
CA PHE F 115 24.12 -19.46 17.81
C PHE F 115 25.33 -18.55 17.70
N GLY F 116 25.85 -18.11 18.85
CA GLY F 116 27.04 -17.26 18.94
C GLY F 116 26.80 -15.85 18.41
N PHE F 117 25.56 -15.41 18.56
CA PHE F 117 25.15 -14.02 18.38
C PHE F 117 23.83 -13.75 19.16
N PRO F 118 23.51 -12.47 19.43
CA PRO F 118 22.28 -12.16 20.19
C PRO F 118 21.01 -12.55 19.42
N PHE F 119 19.96 -12.85 20.17
CA PHE F 119 18.61 -12.92 19.65
C PHE F 119 18.14 -11.52 19.29
N VAL F 120 17.80 -11.34 18.01
CA VAL F 120 17.39 -10.05 17.49
C VAL F 120 16.01 -10.21 16.84
N ILE F 121 15.10 -9.33 17.23
CA ILE F 121 13.78 -9.32 16.62
C ILE F 121 13.37 -7.87 16.50
N CYS F 122 12.47 -7.57 15.56
CA CYS F 122 11.98 -6.22 15.42
C CYS F 122 11.03 -5.95 16.58
N ALA F 123 11.52 -5.31 17.64
CA ALA F 123 10.74 -5.11 18.87
C ALA F 123 9.43 -4.34 18.66
N ARG F 124 9.44 -3.37 17.75
CA ARG F 124 8.22 -2.60 17.51
C ARG F 124 7.09 -3.39 16.86
N LEU F 125 7.37 -4.60 16.37
CA LEU F 125 6.32 -5.42 15.77
C LEU F 125 5.88 -6.56 16.69
N ASN F 126 6.42 -6.61 17.90
CA ASN F 126 6.22 -7.75 18.78
C ASN F 126 5.98 -7.30 20.23
N ASN F 127 5.12 -8.02 20.95
CA ASN F 127 4.95 -7.77 22.39
C ASN F 127 5.74 -8.83 23.15
N LYS F 128 5.73 -8.79 24.48
CA LYS F 128 6.56 -9.72 25.24
C LYS F 128 6.20 -11.18 25.01
N ALA F 129 4.90 -11.48 24.89
CA ALA F 129 4.50 -12.84 24.58
C ALA F 129 5.03 -13.31 23.22
N ASP F 130 4.93 -12.46 22.21
CA ASP F 130 5.52 -12.74 20.89
C ASP F 130 7.02 -13.00 21.02
N ILE F 131 7.69 -12.16 21.80
CA ILE F 131 9.15 -12.26 21.97
C ILE F 131 9.53 -13.61 22.59
N VAL F 132 8.83 -14.00 23.64
CA VAL F 132 9.07 -15.29 24.29
C VAL F 132 8.85 -16.45 23.31
N ARG F 133 7.78 -16.38 22.54
CA ARG F 133 7.43 -17.41 21.57
C ARG F 133 8.51 -17.54 20.49
N GLN F 134 8.93 -16.40 19.96
CA GLN F 134 9.90 -16.39 18.88
C GLN F 134 11.26 -16.90 19.32
N LEU F 135 11.70 -16.46 20.50
CA LEU F 135 12.91 -16.92 21.14
C LEU F 135 12.94 -18.46 21.25
N SER F 136 11.82 -19.04 21.67
CA SER F 136 11.74 -20.48 21.83
C SER F 136 11.65 -21.22 20.49
N GLU F 137 10.93 -20.62 19.54
CA GLU F 137 10.80 -21.18 18.19
C GLU F 137 12.11 -21.10 17.41
N ARG F 138 12.76 -19.94 17.47
CA ARG F 138 14.00 -19.78 16.70
C ARG F 138 15.18 -20.57 17.25
N LEU F 139 15.14 -20.86 18.54
CA LEU F 139 16.12 -21.74 19.17
C LEU F 139 16.19 -23.07 18.42
N LYS F 140 15.07 -23.48 17.81
CA LYS F 140 14.98 -24.74 17.07
C LYS F 140 15.66 -24.70 15.70
N ASN F 141 15.97 -23.52 15.20
CA ASN F 141 16.51 -23.40 13.84
C ASN F 141 17.95 -23.89 13.72
N ARG F 142 18.32 -24.32 12.51
CA ARG F 142 19.71 -24.49 12.16
C ARG F 142 20.39 -23.11 12.11
N ARG F 143 21.68 -23.06 12.44
CA ARG F 143 22.44 -21.81 12.47
C ARG F 143 22.36 -21.06 11.13
N THR F 144 22.46 -21.78 10.02
CA THR F 144 22.41 -21.17 8.69
C THR F 144 21.07 -20.43 8.47
N ALA F 145 19.98 -21.08 8.83
CA ALA F 145 18.65 -20.54 8.64
C ALA F 145 18.41 -19.40 9.63
N GLU F 146 18.98 -19.54 10.82
CA GLU F 146 18.76 -18.54 11.85
C GLU F 146 19.45 -17.23 11.48
N LEU F 147 20.65 -17.32 10.94
CA LEU F 147 21.38 -16.12 10.50
C LEU F 147 20.54 -15.30 9.50
N GLU F 148 19.91 -16.00 8.55
CA GLU F 148 19.01 -15.35 7.58
C GLU F 148 17.76 -14.72 8.24
N CYS F 149 17.13 -15.47 9.12
CA CYS F 149 15.96 -14.99 9.85
C CYS F 149 16.30 -13.73 10.67
N ALA F 150 17.43 -13.80 11.37
CA ALA F 150 17.93 -12.69 12.18
C ALA F 150 18.23 -11.43 11.34
N ILE F 151 18.91 -11.60 10.21
CA ILE F 151 19.19 -10.46 9.32
C ILE F 151 17.91 -9.83 8.75
N GLU F 152 16.89 -10.67 8.50
CA GLU F 152 15.58 -10.14 8.10
C GLU F 152 14.98 -9.22 9.19
N GLU F 153 15.12 -9.61 10.45
CA GLU F 153 14.68 -8.72 11.55
C GLU F 153 15.44 -7.40 11.56
N VAL F 154 16.74 -7.46 11.33
CA VAL F 154 17.56 -6.25 11.28
C VAL F 154 17.02 -5.27 10.21
N LYS F 155 16.71 -5.80 9.04
CA LYS F 155 16.13 -5.02 7.95
C LYS F 155 14.77 -4.39 8.32
N LYS F 156 13.96 -5.12 9.09
CA LYS F 156 12.71 -4.58 9.64
C LYS F 156 12.96 -3.44 10.62
N ILE F 157 13.88 -3.65 11.58
CA ILE F 157 14.25 -2.61 12.53
C ILE F 157 14.70 -1.36 11.79
N CYS F 158 15.52 -1.57 10.76
CA CYS F 158 16.04 -0.46 9.95
C CYS F 158 14.92 0.30 9.22
N SER F 159 13.99 -0.45 8.63
CA SER F 159 12.82 0.15 7.97
C SER F 159 12.03 1.08 8.90
N LEU F 160 11.79 0.63 10.13
CA LEU F 160 11.04 1.43 11.11
C LEU F 160 11.85 2.58 11.68
N ARG F 161 13.17 2.38 11.83
CA ARG F 161 14.04 3.47 12.22
C ARG F 161 14.08 4.57 11.13
N LEU F 162 14.11 4.16 9.87
CA LEU F 162 14.03 5.12 8.76
C LEU F 162 12.69 5.90 8.82
N HIS F 163 11.60 5.15 9.02
CA HIS F 163 10.25 5.75 9.15
C HIS F 163 10.22 6.82 10.26
N SER F 164 10.77 6.48 11.42
CA SER F 164 10.84 7.43 12.53
C SER F 164 11.63 8.67 12.17
N ILE F 165 12.70 8.52 11.38
CA ILE F 165 13.45 9.70 10.92
C ILE F 165 12.55 10.60 10.06
N VAL F 166 11.79 9.98 9.17
CA VAL F 166 10.81 10.70 8.35
C VAL F 166 9.82 11.51 9.18
N LEU F 167 9.33 10.91 10.27
CA LEU F 167 8.35 11.54 11.16
C LEU F 167 8.93 12.40 12.27
N SER F 168 10.25 12.43 12.43
CA SER F 168 10.84 12.95 13.66
C SER F 168 10.46 14.40 13.99
#